data_6IH1
#
_entry.id   6IH1
#
_cell.length_a   73.500
_cell.length_b   42.630
_cell.length_c   156.340
_cell.angle_alpha   90.000
_cell.angle_beta   94.420
_cell.angle_gamma   90.000
#
_symmetry.space_group_name_H-M   'P 1 21 1'
#
loop_
_entity.id
_entity.type
_entity.pdbx_description
1 polymer 'cyclic di nucleotide phoshodiesterase'
2 non-polymer "9,9'-[(2R,3R,3aS,5S,7aR,9R,10R,10aS,12S,14aR)-3,5,10,12-tetrahydroxy-5,12-dioxidooctahydro-2H,7H-difuro[3,2-d:3',2'-j][1,3,7,9,2,8]tetraoxadiphosphacyclododecine-2,9-diyl]bis(2-amino-1,9-dihydro-6H-purin-6-one)"
3 non-polymer 'CALCIUM ION'
4 water water
#
_entity_poly.entity_id   1
_entity_poly.type   'polypeptide(L)'
_entity_poly.pdbx_seq_one_letter_code
;MHIIPVASDPKTCSCGVNENSLDFDFTMAFQPIVNCRTKEIFGYEALVRGLNNESAYSVISRVNEDNRYLFDQMCRVKAI
ALAAKLGLTSKLSINFLPNAIYVPERCIRTTLEAAKRYQFPIENIMFEFTEAERVEDVNHIKRIVEYYKSLGFQTAIDDF
GSGYSGLNLLADFQTNIVKVDMGLIRNIHADQVRQSIMKNCLKLFSDLNIQPLAEGVESHAEFAWLKAAGVELMQGYYFA
KPGFESLPSVNPEFSEA
;
_entity_poly.pdbx_strand_id   A,B,C,D
#
# COMPACT_ATOMS: atom_id res chain seq x y z
N SER A 21 7.33 43.91 -10.83
CA SER A 21 8.12 44.96 -11.47
C SER A 21 9.45 45.17 -10.74
N LEU A 22 10.10 44.06 -10.40
CA LEU A 22 11.39 44.09 -9.68
C LEU A 22 12.53 44.06 -10.70
N ASP A 23 12.63 45.17 -11.44
CA ASP A 23 13.61 45.38 -12.51
C ASP A 23 13.16 44.64 -13.77
N PHE A 24 12.46 43.52 -13.60
CA PHE A 24 11.98 42.73 -14.73
C PHE A 24 10.55 42.31 -14.45
N ASP A 25 9.87 41.82 -15.50
CA ASP A 25 8.50 41.33 -15.39
C ASP A 25 8.43 39.94 -16.02
N PHE A 26 7.35 39.23 -15.69
CA PHE A 26 7.16 37.85 -16.13
C PHE A 26 5.68 37.53 -15.97
N THR A 27 5.28 36.34 -16.42
CA THR A 27 3.91 35.86 -16.23
C THR A 27 3.95 34.37 -15.96
N MET A 28 2.83 33.68 -16.19
CA MET A 28 2.70 32.28 -15.82
C MET A 28 2.14 31.47 -16.98
N ALA A 29 2.62 30.23 -17.10
CA ALA A 29 1.93 29.17 -17.81
C ALA A 29 1.32 28.21 -16.80
N PHE A 30 0.34 27.43 -17.25
CA PHE A 30 -0.34 26.48 -16.38
C PHE A 30 -0.38 25.10 -17.01
N GLN A 31 -0.13 24.07 -16.21
CA GLN A 31 -0.14 22.72 -16.73
C GLN A 31 -1.09 21.87 -15.91
N PRO A 32 -2.04 21.17 -16.54
CA PRO A 32 -3.01 20.40 -15.77
C PRO A 32 -2.41 19.18 -15.08
N ILE A 33 -2.93 18.91 -13.89
CA ILE A 33 -2.76 17.66 -13.20
C ILE A 33 -4.09 16.93 -13.36
N VAL A 34 -4.04 15.70 -13.86
CA VAL A 34 -5.22 14.92 -14.19
C VAL A 34 -5.42 13.84 -13.13
N ASN A 35 -6.68 13.60 -12.79
CA ASN A 35 -7.02 12.41 -12.01
C ASN A 35 -7.41 11.34 -13.03
N CYS A 36 -6.54 10.36 -13.20
CA CYS A 36 -6.75 9.35 -14.24
C CYS A 36 -7.85 8.37 -13.89
N ARG A 37 -8.26 8.32 -12.62
CA ARG A 37 -9.37 7.45 -12.26
C ARG A 37 -10.70 8.10 -12.67
N THR A 38 -10.93 9.35 -12.25
CA THR A 38 -12.17 10.05 -12.57
C THR A 38 -12.12 10.74 -13.93
N LYS A 39 -10.92 10.87 -14.52
CA LYS A 39 -10.73 11.56 -15.80
C LYS A 39 -11.09 13.03 -15.72
N GLU A 40 -11.02 13.62 -14.52
CA GLU A 40 -11.21 15.04 -14.32
C GLU A 40 -9.87 15.69 -13.99
N ILE A 41 -9.83 17.01 -14.15
CA ILE A 41 -8.63 17.78 -13.82
C ILE A 41 -8.63 18.08 -12.33
N PHE A 42 -7.57 17.63 -11.66
CA PHE A 42 -7.37 17.89 -10.24
C PHE A 42 -6.96 19.34 -10.02
N GLY A 43 -6.21 19.91 -10.97
CA GLY A 43 -5.72 21.27 -10.83
C GLY A 43 -4.68 21.56 -11.89
N TYR A 44 -4.03 22.72 -11.72
CA TYR A 44 -2.98 23.17 -12.61
C TYR A 44 -1.78 23.63 -11.79
N GLU A 45 -0.59 23.28 -12.25
CA GLU A 45 0.64 23.84 -11.73
C GLU A 45 0.94 25.15 -12.45
N ALA A 46 1.20 26.21 -11.68
CA ALA A 46 1.67 27.46 -12.25
C ALA A 46 3.16 27.39 -12.50
N LEU A 47 3.58 27.78 -13.70
CA LEU A 47 4.97 27.71 -14.11
C LEU A 47 5.38 29.06 -14.67
N VAL A 48 6.41 29.66 -14.09
CA VAL A 48 6.80 31.02 -14.43
C VAL A 48 7.34 31.06 -15.85
N ARG A 49 6.97 32.12 -16.58
CA ARG A 49 7.39 32.35 -17.96
C ARG A 49 7.74 33.82 -18.14
N GLY A 50 8.52 34.08 -19.19
CA GLY A 50 8.77 35.45 -19.58
C GLY A 50 7.57 36.01 -20.32
N LEU A 51 7.58 37.34 -20.51
CA LEU A 51 6.45 38.00 -21.15
C LEU A 51 6.25 37.53 -22.59
N ASN A 52 7.31 37.04 -23.24
CA ASN A 52 7.22 36.48 -24.57
C ASN A 52 7.46 34.99 -24.55
N ASN A 53 6.98 34.35 -23.47
CA ASN A 53 7.05 32.90 -23.26
C ASN A 53 8.49 32.40 -23.18
N GLU A 54 9.39 33.25 -22.69
CA GLU A 54 10.74 32.79 -22.38
C GLU A 54 10.69 31.76 -21.25
N SER A 55 11.69 30.88 -21.21
CA SER A 55 11.67 29.75 -20.30
C SER A 55 11.73 30.20 -18.84
N ALA A 56 11.29 29.30 -17.96
CA ALA A 56 11.33 29.56 -16.52
C ALA A 56 12.75 29.82 -16.02
N TYR A 57 13.72 29.07 -16.53
CA TYR A 57 15.10 29.24 -16.07
C TYR A 57 15.63 30.63 -16.45
N SER A 58 15.30 31.12 -17.64
CA SER A 58 15.76 32.45 -18.03
C SER A 58 15.16 33.53 -17.13
N VAL A 59 13.94 33.31 -16.65
CA VAL A 59 13.34 34.25 -15.70
C VAL A 59 14.01 34.11 -14.34
N ILE A 60 14.08 32.88 -13.83
CA ILE A 60 14.66 32.65 -12.52
C ILE A 60 16.15 33.02 -12.52
N SER A 61 16.81 32.97 -13.68
CA SER A 61 18.20 33.40 -13.74
C SER A 61 18.35 34.87 -13.35
N ARG A 62 17.33 35.68 -13.59
CA ARG A 62 17.36 37.08 -13.21
C ARG A 62 17.10 37.28 -11.72
N VAL A 63 16.79 36.22 -10.98
CA VAL A 63 16.53 36.34 -9.55
C VAL A 63 17.85 36.25 -8.79
N ASN A 64 18.11 37.24 -7.95
CA ASN A 64 19.30 37.25 -7.10
C ASN A 64 18.84 37.25 -5.64
N GLU A 65 19.81 37.39 -4.74
CA GLU A 65 19.51 37.30 -3.30
C GLU A 65 18.60 38.45 -2.85
N ASP A 66 18.73 39.63 -3.48
CA ASP A 66 17.85 40.74 -3.19
C ASP A 66 16.53 40.64 -3.93
N ASN A 67 16.35 39.61 -4.76
CA ASN A 67 15.14 39.37 -5.53
C ASN A 67 14.26 38.29 -4.93
N ARG A 68 14.87 37.32 -4.23
CA ARG A 68 14.17 36.11 -3.80
C ARG A 68 12.82 36.42 -3.18
N TYR A 69 12.80 37.31 -2.19
CA TYR A 69 11.57 37.64 -1.49
C TYR A 69 10.54 38.23 -2.44
N LEU A 70 10.91 39.32 -3.12
CA LEU A 70 9.97 40.02 -3.99
C LEU A 70 9.55 39.15 -5.17
N PHE A 71 10.48 38.39 -5.74
CA PHE A 71 10.15 37.50 -6.86
C PHE A 71 9.15 36.43 -6.44
N ASP A 72 9.37 35.83 -5.26
CA ASP A 72 8.46 34.79 -4.80
C ASP A 72 7.06 35.32 -4.58
N GLN A 73 6.94 36.54 -4.05
CA GLN A 73 5.62 37.13 -3.82
C GLN A 73 4.91 37.40 -5.14
N MET A 74 5.64 37.92 -6.13
CA MET A 74 5.03 38.18 -7.43
C MET A 74 4.53 36.90 -8.08
N CYS A 75 5.30 35.81 -7.98
CA CYS A 75 4.87 34.54 -8.56
C CYS A 75 3.51 34.13 -8.03
N ARG A 76 3.32 34.23 -6.72
CA ARG A 76 2.06 33.80 -6.11
C ARG A 76 0.90 34.68 -6.55
N VAL A 77 1.09 36.01 -6.52
CA VAL A 77 0.00 36.90 -6.88
C VAL A 77 -0.33 36.76 -8.36
N LYS A 78 0.69 36.63 -9.20
CA LYS A 78 0.45 36.46 -10.64
C LYS A 78 -0.30 35.15 -10.90
N ALA A 79 0.11 34.06 -10.25
CA ALA A 79 -0.54 32.78 -10.46
C ALA A 79 -1.99 32.84 -10.00
N ILE A 80 -2.22 33.39 -8.81
CA ILE A 80 -3.58 33.50 -8.28
C ILE A 80 -4.42 34.42 -9.15
N ALA A 81 -3.86 35.58 -9.51
CA ALA A 81 -4.61 36.55 -10.31
C ALA A 81 -4.96 35.98 -11.68
N LEU A 82 -3.98 35.34 -12.34
CA LEU A 82 -4.22 34.75 -13.66
C LEU A 82 -5.19 33.60 -13.59
N ALA A 83 -5.00 32.70 -12.61
CA ALA A 83 -5.89 31.57 -12.47
C ALA A 83 -7.32 32.01 -12.23
N ALA A 84 -7.50 33.01 -11.36
CA ALA A 84 -8.83 33.56 -11.14
C ALA A 84 -9.40 34.14 -12.42
N LYS A 85 -8.59 34.94 -13.14
CA LYS A 85 -9.07 35.55 -14.38
C LYS A 85 -9.42 34.50 -15.42
N LEU A 86 -8.65 33.41 -15.47
CA LEU A 86 -8.90 32.33 -16.40
C LEU A 86 -10.05 31.43 -15.99
N GLY A 87 -10.64 31.66 -14.81
CA GLY A 87 -11.76 30.87 -14.34
C GLY A 87 -11.40 29.50 -13.76
N LEU A 88 -10.20 29.34 -13.20
CA LEU A 88 -9.83 28.07 -12.58
C LEU A 88 -10.68 27.79 -11.33
N THR A 89 -11.31 26.61 -11.29
CA THR A 89 -12.12 26.24 -10.14
C THR A 89 -11.61 25.02 -9.39
N SER A 90 -10.52 24.39 -9.85
CA SER A 90 -9.88 23.29 -9.16
C SER A 90 -8.62 23.81 -8.49
N LYS A 91 -7.63 22.94 -8.25
CA LYS A 91 -6.47 23.32 -7.44
C LYS A 91 -5.49 24.17 -8.22
N LEU A 92 -4.80 25.07 -7.51
CA LEU A 92 -3.72 25.86 -8.05
C LEU A 92 -2.46 25.47 -7.28
N SER A 93 -1.46 24.94 -7.97
CA SER A 93 -0.23 24.48 -7.33
C SER A 93 0.89 25.46 -7.69
N ILE A 94 1.56 25.98 -6.68
CA ILE A 94 2.53 27.05 -6.81
C ILE A 94 3.85 26.52 -6.29
N ASN A 95 4.92 26.75 -7.04
CA ASN A 95 6.24 26.33 -6.59
C ASN A 95 6.76 27.29 -5.53
N PHE A 96 7.33 26.72 -4.48
CA PHE A 96 7.93 27.47 -3.39
C PHE A 96 9.43 27.56 -3.62
N LEU A 97 9.97 28.77 -3.51
CA LEU A 97 11.36 29.02 -3.83
C LEU A 97 12.24 28.24 -2.85
N PRO A 98 13.32 27.59 -3.33
CA PRO A 98 14.04 26.64 -2.47
C PRO A 98 14.55 27.19 -1.15
N ASN A 99 15.30 28.28 -1.15
CA ASN A 99 15.74 28.84 0.13
C ASN A 99 14.82 29.99 0.52
N ALA A 100 15.05 31.16 -0.07
CA ALA A 100 14.19 32.33 0.08
C ALA A 100 14.06 32.78 1.53
N ILE A 101 12.89 32.55 2.12
CA ILE A 101 12.52 33.15 3.39
C ILE A 101 12.66 32.15 4.53
N TYR A 102 13.05 32.64 5.70
CA TYR A 102 13.12 31.84 6.91
C TYR A 102 11.79 31.92 7.66
N VAL A 103 11.44 33.12 8.12
CA VAL A 103 10.26 33.25 8.98
C VAL A 103 9.02 32.90 8.17
N PRO A 104 8.08 32.14 8.72
CA PRO A 104 6.91 31.75 7.93
C PRO A 104 5.64 32.56 8.19
N GLU A 105 5.51 33.21 9.34
CA GLU A 105 4.26 33.88 9.67
C GLU A 105 4.13 35.29 9.10
N ARG A 106 5.23 36.01 8.89
CA ARG A 106 5.10 37.41 8.50
C ARG A 106 4.51 37.67 7.12
N CYS A 107 5.30 37.56 6.05
CA CYS A 107 4.86 38.01 4.74
C CYS A 107 4.08 36.97 3.95
N ILE A 108 3.44 35.99 4.60
CA ILE A 108 2.40 35.24 3.92
C ILE A 108 1.11 36.03 3.81
N ARG A 109 0.99 37.12 4.59
CA ARG A 109 -0.18 37.98 4.54
C ARG A 109 -0.53 38.40 3.11
N THR A 110 0.48 38.71 2.31
CA THR A 110 0.22 39.13 0.93
C THR A 110 -0.35 37.99 0.09
N THR A 111 -0.02 36.74 0.43
CA THR A 111 -0.67 35.61 -0.25
C THR A 111 -2.12 35.49 0.19
N LEU A 112 -2.37 35.56 1.50
CA LEU A 112 -3.74 35.50 2.01
C LEU A 112 -4.58 36.62 1.45
N GLU A 113 -4.02 37.84 1.38
CA GLU A 113 -4.78 38.98 0.84
C GLU A 113 -5.12 38.78 -0.63
N ALA A 114 -4.15 38.28 -1.42
CA ALA A 114 -4.42 38.04 -2.84
C ALA A 114 -5.51 36.99 -3.01
N ALA A 115 -5.42 35.89 -2.25
CA ALA A 115 -6.45 34.87 -2.32
C ALA A 115 -7.83 35.45 -2.02
N LYS A 116 -7.91 36.32 -1.02
CA LYS A 116 -9.19 36.95 -0.68
C LYS A 116 -9.67 37.85 -1.81
N ARG A 117 -8.78 38.71 -2.31
CA ARG A 117 -9.16 39.67 -3.35
C ARG A 117 -9.66 38.96 -4.61
N TYR A 118 -9.04 37.84 -4.97
CA TYR A 118 -9.49 37.11 -6.14
C TYR A 118 -10.47 36.00 -5.78
N GLN A 119 -10.94 35.96 -4.53
CA GLN A 119 -11.96 35.00 -4.09
C GLN A 119 -11.56 33.56 -4.41
N PHE A 120 -10.29 33.24 -4.16
CA PHE A 120 -9.74 31.92 -4.38
C PHE A 120 -9.47 31.22 -3.05
N PRO A 121 -10.16 30.11 -2.75
CA PRO A 121 -10.02 29.49 -1.43
C PRO A 121 -8.59 29.03 -1.16
N ILE A 122 -8.13 29.27 0.07
CA ILE A 122 -6.79 28.84 0.52
C ILE A 122 -6.63 27.33 0.36
N GLU A 123 -7.68 26.58 0.64
CA GLU A 123 -7.68 25.13 0.54
C GLU A 123 -7.56 24.65 -0.91
N ASN A 124 -7.67 25.55 -1.88
CA ASN A 124 -7.47 25.20 -3.28
C ASN A 124 -6.09 25.59 -3.77
N ILE A 125 -5.23 26.08 -2.88
CA ILE A 125 -3.87 26.44 -3.22
C ILE A 125 -2.92 25.41 -2.61
N MET A 126 -2.05 24.86 -3.43
CA MET A 126 -1.05 23.89 -2.99
C MET A 126 0.34 24.48 -3.22
N PHE A 127 1.24 24.32 -2.25
CA PHE A 127 2.61 24.75 -2.40
C PHE A 127 3.52 23.54 -2.56
N GLU A 128 4.37 23.59 -3.56
CA GLU A 128 5.29 22.51 -3.87
C GLU A 128 6.66 22.85 -3.30
N PHE A 129 7.22 21.96 -2.49
CA PHE A 129 8.50 22.14 -1.83
C PHE A 129 9.53 21.17 -2.41
N THR A 130 10.65 21.70 -2.87
CA THR A 130 11.79 20.91 -3.28
C THR A 130 12.94 21.53 -2.49
N GLU A 131 13.35 20.85 -1.40
CA GLU A 131 14.31 21.34 -0.41
C GLU A 131 15.24 22.43 -0.93
N ALA A 132 16.47 22.08 -1.28
CA ALA A 132 17.40 23.08 -1.78
C ALA A 132 18.59 22.38 -2.42
N GLU A 133 19.61 23.17 -2.73
CA GLU A 133 20.95 22.69 -3.02
C GLU A 133 21.83 22.86 -1.80
N ARG A 134 21.21 23.09 -0.64
CA ARG A 134 21.84 23.28 0.66
C ARG A 134 21.90 21.97 1.44
N VAL A 135 22.49 22.04 2.63
CA VAL A 135 22.76 20.87 3.46
C VAL A 135 21.52 20.39 4.19
N GLU A 136 21.74 19.72 5.33
CA GLU A 136 20.67 19.11 6.13
C GLU A 136 19.94 20.17 6.96
N ASP A 137 19.39 21.16 6.27
CA ASP A 137 18.59 22.17 6.96
C ASP A 137 17.28 21.54 7.46
N VAL A 138 16.49 21.01 6.53
CA VAL A 138 15.27 20.22 6.75
C VAL A 138 14.34 20.75 7.83
N ASN A 139 14.87 21.07 9.02
CA ASN A 139 14.01 21.71 10.02
C ASN A 139 13.56 23.07 9.54
N HIS A 140 14.29 23.64 8.58
CA HIS A 140 13.91 24.90 7.95
C HIS A 140 12.62 24.73 7.16
N ILE A 141 12.60 23.74 6.27
CA ILE A 141 11.43 23.46 5.44
C ILE A 141 10.27 22.94 6.28
N LYS A 142 10.57 22.11 7.28
CA LYS A 142 9.52 21.49 8.09
C LYS A 142 8.59 22.52 8.72
N ARG A 143 9.15 23.56 9.32
CA ARG A 143 8.28 24.54 9.97
C ARG A 143 7.49 25.34 8.95
N ILE A 144 8.06 25.62 7.78
CA ILE A 144 7.30 26.28 6.71
C ILE A 144 6.12 25.40 6.27
N VAL A 145 6.39 24.11 6.09
CA VAL A 145 5.36 23.19 5.61
C VAL A 145 4.23 23.06 6.63
N GLU A 146 4.60 22.91 7.90
CA GLU A 146 3.60 22.72 8.95
C GLU A 146 2.83 24.01 9.21
N TYR A 147 3.45 25.16 9.00
CA TYR A 147 2.73 26.41 9.18
C TYR A 147 1.73 26.62 8.06
N TYR A 148 2.12 26.32 6.81
CA TYR A 148 1.18 26.43 5.70
C TYR A 148 0.01 25.48 5.89
N LYS A 149 0.30 24.24 6.28
CA LYS A 149 -0.77 23.28 6.57
C LYS A 149 -1.73 23.81 7.61
N SER A 150 -1.21 24.53 8.63
CA SER A 150 -2.08 25.04 9.67
C SER A 150 -3.01 26.13 9.18
N LEU A 151 -2.64 26.83 8.10
CA LEU A 151 -3.53 27.85 7.56
C LEU A 151 -4.56 27.29 6.60
N GLY A 152 -4.43 26.04 6.15
CA GLY A 152 -5.36 25.44 5.21
C GLY A 152 -4.78 25.15 3.85
N PHE A 153 -3.56 25.60 3.57
CA PHE A 153 -2.94 25.31 2.28
C PHE A 153 -2.69 23.81 2.12
N GLN A 154 -2.78 23.34 0.88
CA GLN A 154 -2.26 22.02 0.54
C GLN A 154 -0.75 22.12 0.35
N THR A 155 -0.07 20.97 0.51
CA THR A 155 1.38 20.94 0.40
C THR A 155 1.79 19.72 -0.40
N ALA A 156 2.90 19.88 -1.13
CA ALA A 156 3.49 18.78 -1.87
C ALA A 156 5.00 18.86 -1.75
N ILE A 157 5.62 17.69 -1.62
CA ILE A 157 7.05 17.56 -1.89
C ILE A 157 7.22 17.38 -3.39
N ASP A 158 8.07 18.19 -3.99
CA ASP A 158 8.30 18.17 -5.42
C ASP A 158 9.59 17.39 -5.75
N ASP A 159 9.64 16.84 -6.96
CA ASP A 159 10.86 16.18 -7.46
C ASP A 159 11.37 15.08 -6.53
N PHE A 160 10.44 14.31 -5.96
CA PHE A 160 10.84 13.24 -5.05
C PHE A 160 11.67 12.19 -5.79
N GLY A 161 12.84 11.89 -5.27
CA GLY A 161 13.72 10.98 -5.96
C GLY A 161 14.72 11.65 -6.88
N SER A 162 14.93 12.96 -6.72
CA SER A 162 16.05 13.64 -7.35
C SER A 162 16.61 14.69 -6.39
N GLY A 163 17.90 14.97 -6.51
CA GLY A 163 18.53 15.98 -5.68
C GLY A 163 18.38 15.78 -4.18
N TYR A 164 18.15 16.88 -3.46
CA TYR A 164 17.87 16.86 -2.02
C TYR A 164 16.43 16.57 -1.68
N SER A 165 15.63 16.19 -2.66
CA SER A 165 14.20 15.94 -2.43
C SER A 165 14.04 14.42 -2.38
N GLY A 166 14.13 13.88 -1.19
CA GLY A 166 14.06 12.45 -1.01
C GLY A 166 13.48 12.04 0.31
N LEU A 167 13.91 10.85 0.75
CA LEU A 167 13.38 10.23 1.96
C LEU A 167 13.72 11.03 3.20
N ASN A 168 14.81 11.81 3.16
CA ASN A 168 15.16 12.62 4.33
C ASN A 168 14.06 13.64 4.59
N LEU A 169 13.45 14.18 3.54
CA LEU A 169 12.33 15.09 3.76
C LEU A 169 11.18 14.35 4.42
N LEU A 170 10.77 13.22 3.82
CA LEU A 170 9.60 12.47 4.29
C LEU A 170 9.74 12.02 5.74
N ALA A 171 10.97 11.78 6.22
CA ALA A 171 11.16 11.27 7.58
C ALA A 171 10.74 12.27 8.65
N ASP A 172 10.86 13.56 8.37
CA ASP A 172 10.62 14.57 9.39
C ASP A 172 9.28 15.31 9.23
N PHE A 173 8.66 15.28 8.07
CA PHE A 173 7.33 15.87 7.92
C PHE A 173 6.65 15.22 6.73
N GLN A 174 5.32 15.27 6.71
CA GLN A 174 4.58 14.64 5.62
C GLN A 174 3.64 15.67 4.97
N THR A 175 3.70 15.75 3.65
CA THR A 175 2.82 16.63 2.89
C THR A 175 1.55 15.87 2.48
N ASN A 176 0.57 16.62 1.91
CA ASN A 176 -0.60 15.96 1.36
C ASN A 176 -0.24 15.09 0.16
N ILE A 177 0.67 15.56 -0.67
CA ILE A 177 1.01 14.92 -1.94
C ILE A 177 2.52 14.82 -2.05
N VAL A 178 2.99 13.79 -2.72
CA VAL A 178 4.39 13.70 -3.14
C VAL A 178 4.39 13.57 -4.67
N LYS A 179 5.06 14.51 -5.33
CA LYS A 179 5.23 14.45 -6.77
C LYS A 179 6.52 13.70 -7.05
N VAL A 180 6.40 12.52 -7.61
CA VAL A 180 7.55 11.68 -7.94
C VAL A 180 8.23 12.22 -9.19
N ASP A 181 9.55 12.39 -9.10
CA ASP A 181 10.36 12.96 -10.17
C ASP A 181 10.19 12.19 -11.48
N MET A 182 10.26 12.91 -12.60
CA MET A 182 10.07 12.27 -13.88
C MET A 182 11.18 11.28 -14.20
N GLY A 183 12.38 11.46 -13.61
CA GLY A 183 13.46 10.52 -13.82
C GLY A 183 13.10 9.11 -13.41
N LEU A 184 12.27 8.97 -12.36
CA LEU A 184 11.81 7.68 -11.89
C LEU A 184 10.66 7.12 -12.72
N ILE A 185 9.91 8.00 -13.38
CA ILE A 185 8.75 7.60 -14.19
C ILE A 185 9.18 7.18 -15.59
N ARG A 186 10.30 7.71 -16.11
CA ARG A 186 10.61 7.56 -17.53
C ARG A 186 10.73 6.09 -17.92
N ASN A 187 9.89 5.66 -18.88
CA ASN A 187 9.92 4.30 -19.42
C ASN A 187 9.73 3.24 -18.33
N ILE A 188 8.90 3.54 -17.33
CA ILE A 188 8.77 2.63 -16.18
C ILE A 188 8.12 1.30 -16.59
N HIS A 189 7.31 1.32 -17.66
CA HIS A 189 6.72 0.07 -18.17
C HIS A 189 7.79 -0.93 -18.60
N ALA A 190 9.03 -0.48 -18.86
CA ALA A 190 10.07 -1.36 -19.39
C ALA A 190 11.25 -1.57 -18.46
N ASP A 191 11.29 -0.84 -17.36
CA ASP A 191 12.45 -0.77 -16.48
C ASP A 191 12.09 -1.45 -15.16
N GLN A 192 12.57 -2.69 -14.97
CA GLN A 192 12.26 -3.46 -13.78
C GLN A 192 12.74 -2.79 -12.50
N VAL A 193 13.88 -2.10 -12.55
CA VAL A 193 14.38 -1.41 -11.37
C VAL A 193 13.45 -0.26 -10.99
N ARG A 194 13.05 0.56 -11.97
CA ARG A 194 12.13 1.64 -11.64
C ARG A 194 10.78 1.09 -11.18
N GLN A 195 10.36 -0.05 -11.73
CA GLN A 195 9.15 -0.71 -11.27
C GLN A 195 9.25 -1.07 -9.80
N SER A 196 10.37 -1.68 -9.38
CA SER A 196 10.50 -1.99 -7.95
C SER A 196 10.57 -0.73 -7.11
N ILE A 197 11.32 0.29 -7.54
CA ILE A 197 11.33 1.53 -6.76
C ILE A 197 9.91 2.07 -6.58
N MET A 198 9.14 2.15 -7.67
CA MET A 198 7.83 2.79 -7.56
C MET A 198 6.87 1.94 -6.73
N LYS A 199 6.88 0.61 -6.93
CA LYS A 199 5.96 -0.23 -6.15
C LYS A 199 6.22 -0.09 -4.66
N ASN A 200 7.49 -0.06 -4.26
CA ASN A 200 7.78 0.06 -2.84
C ASN A 200 7.55 1.47 -2.34
N CYS A 201 7.81 2.49 -3.17
CA CYS A 201 7.48 3.84 -2.76
C CYS A 201 5.98 4.05 -2.65
N LEU A 202 5.17 3.40 -3.50
CA LEU A 202 3.72 3.57 -3.40
C LEU A 202 3.18 2.96 -2.11
N LYS A 203 3.75 1.84 -1.68
CA LYS A 203 3.39 1.24 -0.40
C LYS A 203 3.83 2.14 0.75
N LEU A 204 5.02 2.75 0.65
CA LEU A 204 5.46 3.74 1.61
C LEU A 204 4.46 4.91 1.70
N PHE A 205 4.12 5.51 0.56
CA PHE A 205 3.17 6.63 0.56
C PHE A 205 1.84 6.21 1.17
N SER A 206 1.36 5.01 0.83
CA SER A 206 0.12 4.52 1.41
C SER A 206 0.23 4.37 2.92
N ASP A 207 1.34 3.81 3.42
CA ASP A 207 1.54 3.70 4.86
C ASP A 207 1.53 5.05 5.53
N LEU A 208 2.05 6.08 4.85
CA LEU A 208 2.13 7.40 5.43
C LEU A 208 0.88 8.26 5.12
N ASN A 209 -0.11 7.69 4.45
CA ASN A 209 -1.31 8.41 3.97
C ASN A 209 -0.96 9.64 3.12
N ILE A 210 -0.08 9.44 2.15
CA ILE A 210 0.34 10.49 1.24
C ILE A 210 -0.14 10.11 -0.15
N GLN A 211 -0.73 11.09 -0.88
CA GLN A 211 -1.21 10.82 -2.22
C GLN A 211 -0.07 10.98 -3.23
N PRO A 212 0.22 9.97 -4.05
CA PRO A 212 1.29 10.12 -5.05
C PRO A 212 0.79 10.87 -6.27
N LEU A 213 1.75 11.51 -6.95
CA LEU A 213 1.50 12.19 -8.20
C LEU A 213 2.69 11.92 -9.10
N ALA A 214 2.45 11.31 -10.26
CA ALA A 214 3.53 10.99 -11.19
C ALA A 214 3.68 12.14 -12.16
N GLU A 215 4.88 12.69 -12.22
CA GLU A 215 5.22 13.84 -13.00
C GLU A 215 6.01 13.42 -14.23
N GLY A 216 5.92 14.23 -15.28
CA GLY A 216 6.67 14.02 -16.50
C GLY A 216 6.22 12.84 -17.33
N VAL A 217 4.95 12.44 -17.22
CA VAL A 217 4.45 11.31 -18.02
C VAL A 217 4.43 11.75 -19.48
N GLU A 218 5.10 10.98 -20.36
CA GLU A 218 5.23 11.35 -21.75
C GLU A 218 4.57 10.40 -22.74
N SER A 219 4.18 9.20 -22.32
CA SER A 219 3.63 8.22 -23.25
C SER A 219 2.50 7.46 -22.60
N HIS A 220 1.67 6.85 -23.46
CA HIS A 220 0.59 6.01 -22.97
C HIS A 220 1.13 4.83 -22.17
N ALA A 221 2.26 4.25 -22.61
CA ALA A 221 2.81 3.09 -21.93
C ALA A 221 3.18 3.41 -20.48
N GLU A 222 3.78 4.58 -20.24
CA GLU A 222 4.04 4.98 -18.85
C GLU A 222 2.74 5.15 -18.10
N PHE A 223 1.80 5.90 -18.69
CA PHE A 223 0.52 6.13 -18.04
C PHE A 223 -0.14 4.83 -17.61
N ALA A 224 -0.21 3.86 -18.52
CA ALA A 224 -0.98 2.65 -18.22
C ALA A 224 -0.32 1.87 -17.09
N TRP A 225 1.01 1.79 -17.08
CA TRP A 225 1.70 1.09 -15.98
C TRP A 225 1.47 1.82 -14.66
N LEU A 226 1.61 3.15 -14.66
CA LEU A 226 1.43 3.93 -13.43
C LEU A 226 0.00 3.85 -12.90
N LYS A 227 -0.98 3.87 -13.81
CA LYS A 227 -2.37 3.73 -13.40
C LYS A 227 -2.61 2.34 -12.80
N ALA A 228 -2.09 1.29 -13.44
CA ALA A 228 -2.25 -0.04 -12.87
C ALA A 228 -1.53 -0.15 -11.53
N ALA A 229 -0.39 0.55 -11.36
CA ALA A 229 0.31 0.48 -10.10
C ALA A 229 -0.39 1.23 -8.98
N GLY A 230 -1.44 1.99 -9.26
CA GLY A 230 -2.20 2.65 -8.22
C GLY A 230 -2.10 4.16 -8.19
N VAL A 231 -1.34 4.77 -9.10
CA VAL A 231 -1.26 6.23 -9.14
C VAL A 231 -2.50 6.79 -9.81
N GLU A 232 -3.08 7.83 -9.21
CA GLU A 232 -4.22 8.53 -9.82
C GLU A 232 -3.87 9.90 -10.38
N LEU A 233 -3.20 10.75 -9.60
CA LEU A 233 -2.80 12.07 -10.07
C LEU A 233 -1.57 11.97 -10.95
N MET A 234 -1.66 12.53 -12.16
CA MET A 234 -0.53 12.49 -13.08
C MET A 234 -0.42 13.83 -13.81
N GLN A 235 0.78 14.09 -14.30
CA GLN A 235 1.10 15.35 -14.95
C GLN A 235 2.14 15.04 -16.02
N GLY A 236 2.03 15.70 -17.17
CA GLY A 236 3.06 15.50 -18.17
C GLY A 236 2.58 15.82 -19.57
N TYR A 237 3.55 15.87 -20.47
CA TYR A 237 3.29 16.15 -21.88
C TYR A 237 2.27 15.19 -22.49
N TYR A 238 2.20 13.96 -21.98
CA TYR A 238 1.20 13.00 -22.47
C TYR A 238 -0.22 13.56 -22.33
N PHE A 239 -0.50 14.26 -21.23
CA PHE A 239 -1.81 14.86 -21.00
C PHE A 239 -1.94 16.24 -21.62
N ALA A 240 -1.02 17.14 -21.30
CA ALA A 240 -1.01 18.46 -21.92
C ALA A 240 0.26 19.19 -21.52
N LYS A 241 0.83 19.89 -22.48
CA LYS A 241 1.93 20.80 -22.26
C LYS A 241 1.48 21.99 -21.42
N PRO A 242 2.40 22.70 -20.77
CA PRO A 242 2.04 23.94 -20.10
C PRO A 242 1.48 24.93 -21.11
N GLY A 243 0.46 25.68 -20.69
CA GLY A 243 -0.15 26.64 -21.58
C GLY A 243 0.15 28.07 -21.19
N PHE A 244 0.71 28.85 -22.11
CA PHE A 244 1.06 30.22 -21.78
C PHE A 244 -0.19 31.02 -21.43
N GLU A 245 -0.25 31.48 -20.18
CA GLU A 245 -1.36 32.32 -19.68
C GLU A 245 -2.73 31.73 -19.99
N SER A 246 -2.82 30.40 -19.94
CA SER A 246 -4.07 29.72 -20.29
C SER A 246 -4.15 28.41 -19.53
N LEU A 247 -5.35 27.83 -19.55
CA LEU A 247 -5.57 26.53 -18.91
C LEU A 247 -5.76 25.48 -19.99
N PRO A 248 -4.74 24.70 -20.33
CA PRO A 248 -4.89 23.72 -21.41
C PRO A 248 -5.93 22.65 -21.08
N SER A 249 -6.62 22.20 -22.12
CA SER A 249 -7.46 21.02 -22.03
C SER A 249 -6.60 19.77 -22.17
N VAL A 250 -7.16 18.63 -21.78
CA VAL A 250 -6.40 17.40 -21.69
C VAL A 250 -6.73 16.48 -22.86
N ASN A 251 -5.67 15.86 -23.39
CA ASN A 251 -5.65 14.77 -24.36
C ASN A 251 -6.83 13.82 -24.19
N PRO A 252 -7.66 13.64 -25.22
CA PRO A 252 -8.75 12.66 -25.13
C PRO A 252 -8.30 11.20 -25.24
N GLU A 253 -7.07 10.94 -25.69
CA GLU A 253 -6.60 9.58 -25.93
C GLU A 253 -6.47 8.77 -24.63
N PHE A 254 -6.21 9.43 -23.50
CA PHE A 254 -6.05 8.68 -22.26
C PHE A 254 -7.37 8.26 -21.65
N SER A 255 -8.46 9.00 -21.94
CA SER A 255 -9.74 8.74 -21.30
C SER A 255 -10.54 7.63 -21.98
N GLU A 256 -10.07 7.13 -23.11
CA GLU A 256 -10.73 6.00 -23.77
C GLU A 256 -9.69 4.94 -24.10
N ALA A 257 -8.78 5.26 -25.02
CA ALA A 257 -7.65 4.39 -25.38
C ALA A 257 -8.10 2.98 -25.73
N SER B 21 -8.71 -45.78 7.40
CA SER B 21 -9.57 -46.73 6.70
C SER B 21 -9.39 -46.60 5.19
N LEU B 22 -10.38 -47.12 4.45
CA LEU B 22 -10.32 -47.10 3.00
C LEU B 22 -11.73 -47.16 2.41
N ASP B 23 -12.59 -46.19 2.74
CA ASP B 23 -13.92 -46.19 2.16
C ASP B 23 -13.84 -45.96 0.65
N PHE B 24 -13.02 -45.00 0.25
CA PHE B 24 -12.72 -44.72 -1.14
C PHE B 24 -11.27 -44.26 -1.16
N ASP B 25 -10.68 -44.20 -2.36
CA ASP B 25 -9.30 -43.76 -2.46
C ASP B 25 -9.20 -42.65 -3.49
N PHE B 26 -8.09 -41.92 -3.42
CA PHE B 26 -7.88 -40.74 -4.23
C PHE B 26 -6.38 -40.44 -4.22
N THR B 27 -5.99 -39.46 -5.03
CA THR B 27 -4.61 -39.00 -5.07
C THR B 27 -4.64 -37.49 -5.24
N MET B 28 -3.54 -36.91 -5.71
CA MET B 28 -3.37 -35.47 -5.77
C MET B 28 -2.88 -35.03 -7.13
N ALA B 29 -3.34 -33.86 -7.56
CA ALA B 29 -2.72 -33.03 -8.57
C ALA B 29 -2.03 -31.84 -7.90
N PHE B 30 -1.09 -31.22 -8.61
CA PHE B 30 -0.35 -30.10 -8.05
C PHE B 30 -0.34 -28.97 -9.06
N GLN B 31 -0.57 -27.75 -8.58
CA GLN B 31 -0.62 -26.59 -9.46
C GLN B 31 0.36 -25.55 -8.94
N PRO B 32 1.27 -25.08 -9.79
CA PRO B 32 2.29 -24.11 -9.34
C PRO B 32 1.71 -22.75 -9.00
N ILE B 33 2.33 -22.15 -7.98
CA ILE B 33 2.19 -20.74 -7.65
C ILE B 33 3.49 -20.07 -8.06
N VAL B 34 3.41 -19.00 -8.83
CA VAL B 34 4.61 -18.33 -9.31
C VAL B 34 4.84 -17.01 -8.58
N ASN B 35 6.11 -16.65 -8.46
CA ASN B 35 6.49 -15.29 -8.09
C ASN B 35 6.83 -14.53 -9.37
N CYS B 36 6.02 -13.53 -9.73
CA CYS B 36 6.20 -12.83 -11.00
C CYS B 36 7.39 -11.90 -11.00
N ARG B 37 7.93 -11.57 -9.83
CA ARG B 37 9.11 -10.73 -9.77
C ARG B 37 10.37 -11.53 -10.10
N THR B 38 10.56 -12.65 -9.43
CA THR B 38 11.73 -13.50 -9.65
C THR B 38 11.55 -14.49 -10.78
N LYS B 39 10.31 -14.70 -11.22
CA LYS B 39 9.95 -15.69 -12.23
C LYS B 39 10.27 -17.10 -11.76
N GLU B 40 10.32 -17.30 -10.45
CA GLU B 40 10.54 -18.60 -9.85
C GLU B 40 9.23 -19.13 -9.31
N ILE B 41 9.20 -20.44 -9.04
CA ILE B 41 8.03 -21.09 -8.47
C ILE B 41 8.09 -20.98 -6.95
N PHE B 42 7.06 -20.36 -6.36
CA PHE B 42 6.95 -20.24 -4.90
C PHE B 42 6.56 -21.57 -4.28
N GLY B 43 5.77 -22.36 -4.98
CA GLY B 43 5.28 -23.61 -4.43
C GLY B 43 4.19 -24.18 -5.31
N TYR B 44 3.53 -25.20 -4.79
CA TYR B 44 2.42 -25.87 -5.45
C TYR B 44 1.29 -26.07 -4.46
N GLU B 45 0.06 -25.80 -4.91
CA GLU B 45 -1.12 -26.22 -4.19
C GLU B 45 -1.45 -27.67 -4.55
N ALA B 46 -1.68 -28.49 -3.53
CA ALA B 46 -2.18 -29.85 -3.72
C ALA B 46 -3.68 -29.82 -3.93
N LEU B 47 -4.17 -30.53 -4.96
CA LEU B 47 -5.59 -30.55 -5.31
C LEU B 47 -6.03 -32.00 -5.45
N VAL B 48 -7.07 -32.38 -4.70
CA VAL B 48 -7.44 -33.79 -4.66
C VAL B 48 -8.03 -34.23 -6.00
N ARG B 49 -7.68 -35.45 -6.42
CA ARG B 49 -8.17 -36.08 -7.64
C ARG B 49 -8.47 -37.55 -7.34
N GLY B 50 -9.29 -38.16 -8.18
CA GLY B 50 -9.51 -39.60 -8.10
C GLY B 50 -8.37 -40.38 -8.74
N LEU B 51 -8.38 -41.70 -8.52
CA LEU B 51 -7.28 -42.52 -9.02
C LEU B 51 -7.17 -42.47 -10.54
N ASN B 52 -8.25 -42.17 -11.25
CA ASN B 52 -8.23 -42.04 -12.70
C ASN B 52 -8.40 -40.59 -13.12
N ASN B 53 -7.84 -39.66 -12.32
CA ASN B 53 -7.88 -38.22 -12.56
C ASN B 53 -9.31 -37.68 -12.54
N GLU B 54 -10.19 -38.31 -11.76
CA GLU B 54 -11.52 -37.76 -11.51
C GLU B 54 -11.40 -36.42 -10.77
N SER B 55 -12.43 -35.59 -10.92
CA SER B 55 -12.40 -34.22 -10.41
C SER B 55 -12.37 -34.18 -8.88
N ALA B 56 -11.91 -33.04 -8.35
CA ALA B 56 -11.90 -32.86 -6.90
C ALA B 56 -13.31 -33.00 -6.33
N TYR B 57 -14.31 -32.49 -7.05
CA TYR B 57 -15.68 -32.54 -6.56
C TYR B 57 -16.17 -33.98 -6.41
N SER B 58 -15.80 -34.87 -7.34
CA SER B 58 -16.23 -36.25 -7.23
C SER B 58 -15.66 -36.93 -5.99
N VAL B 59 -14.45 -36.58 -5.60
CA VAL B 59 -13.85 -37.14 -4.39
C VAL B 59 -14.47 -36.55 -3.14
N ILE B 60 -14.53 -35.21 -3.07
CA ILE B 60 -15.06 -34.54 -1.89
C ILE B 60 -16.54 -34.86 -1.70
N SER B 61 -17.25 -35.17 -2.79
CA SER B 61 -18.65 -35.55 -2.67
C SER B 61 -18.82 -36.81 -1.84
N ARG B 62 -17.81 -37.68 -1.84
CA ARG B 62 -17.84 -38.89 -1.04
C ARG B 62 -17.51 -38.63 0.43
N VAL B 63 -17.16 -37.41 0.79
CA VAL B 63 -16.83 -37.07 2.16
C VAL B 63 -18.11 -36.72 2.90
N ASN B 64 -18.35 -37.40 4.02
CA ASN B 64 -19.49 -37.10 4.87
C ASN B 64 -19.01 -36.73 6.28
N GLU B 65 -19.96 -36.62 7.21
CA GLU B 65 -19.63 -36.17 8.56
C GLU B 65 -18.72 -37.15 9.30
N ASP B 66 -18.86 -38.45 9.00
CA ASP B 66 -17.96 -39.45 9.56
C ASP B 66 -16.68 -39.59 8.77
N ASN B 67 -16.55 -38.88 7.64
CA ASN B 67 -15.37 -38.96 6.79
C ASN B 67 -14.44 -37.78 6.92
N ARG B 68 -14.98 -36.58 7.17
CA ARG B 68 -14.22 -35.34 7.07
C ARG B 68 -12.88 -35.42 7.78
N TYR B 69 -12.89 -35.86 9.04
CA TYR B 69 -11.67 -35.88 9.82
C TYR B 69 -10.61 -36.77 9.17
N LEU B 70 -10.94 -38.03 8.93
CA LEU B 70 -9.99 -38.97 8.35
C LEU B 70 -9.61 -38.56 6.92
N PHE B 71 -10.59 -38.07 6.15
CA PHE B 71 -10.30 -37.61 4.80
C PHE B 71 -9.30 -36.46 4.81
N ASP B 72 -9.47 -35.52 5.73
CA ASP B 72 -8.53 -34.42 5.85
C ASP B 72 -7.13 -34.93 6.14
N GLN B 73 -7.02 -35.95 6.99
CA GLN B 73 -5.73 -36.53 7.33
C GLN B 73 -5.09 -37.21 6.12
N MET B 74 -5.88 -37.97 5.37
CA MET B 74 -5.34 -38.64 4.19
C MET B 74 -4.85 -37.62 3.16
N CYS B 75 -5.60 -36.52 2.97
CA CYS B 75 -5.17 -35.46 2.07
C CYS B 75 -3.80 -34.93 2.44
N ARG B 76 -3.57 -34.67 3.73
CA ARG B 76 -2.30 -34.10 4.16
C ARG B 76 -1.15 -35.07 3.93
N VAL B 77 -1.34 -36.32 4.32
CA VAL B 77 -0.29 -37.33 4.20
C VAL B 77 -0.01 -37.63 2.74
N LYS B 78 -1.06 -37.74 1.93
CA LYS B 78 -0.87 -38.01 0.50
C LYS B 78 -0.13 -36.87 -0.19
N ALA B 79 -0.52 -35.63 0.10
CA ALA B 79 0.14 -34.48 -0.51
C ALA B 79 1.60 -34.40 -0.12
N ILE B 80 1.91 -34.60 1.16
CA ILE B 80 3.29 -34.57 1.62
C ILE B 80 4.11 -35.69 0.99
N ALA B 81 3.54 -36.90 0.96
CA ALA B 81 4.27 -38.05 0.42
C ALA B 81 4.53 -37.88 -1.07
N LEU B 82 3.51 -37.46 -1.82
CA LEU B 82 3.67 -37.29 -3.27
C LEU B 82 4.65 -36.17 -3.58
N ALA B 83 4.50 -35.03 -2.90
CA ALA B 83 5.41 -33.92 -3.11
C ALA B 83 6.85 -34.31 -2.83
N ALA B 84 7.08 -35.06 -1.75
CA ALA B 84 8.42 -35.54 -1.44
C ALA B 84 8.91 -36.47 -2.54
N LYS B 85 8.03 -37.38 -3.00
CA LYS B 85 8.39 -38.34 -4.05
C LYS B 85 8.75 -37.66 -5.36
N LEU B 86 8.06 -36.58 -5.68
CA LEU B 86 8.27 -35.80 -6.88
C LEU B 86 9.43 -34.81 -6.77
N GLY B 87 10.07 -34.69 -5.61
CA GLY B 87 11.20 -33.78 -5.46
C GLY B 87 10.83 -32.32 -5.26
N LEU B 88 9.67 -32.03 -4.70
CA LEU B 88 9.31 -30.63 -4.44
C LEU B 88 10.25 -30.03 -3.39
N THR B 89 10.84 -28.88 -3.70
CA THR B 89 11.73 -28.20 -2.77
C THR B 89 11.23 -26.81 -2.37
N SER B 90 10.10 -26.35 -2.93
CA SER B 90 9.50 -25.10 -2.53
C SER B 90 8.28 -25.40 -1.65
N LYS B 91 7.32 -24.48 -1.59
CA LYS B 91 6.27 -24.65 -0.59
C LYS B 91 5.19 -25.61 -1.07
N LEU B 92 4.56 -26.28 -0.10
CA LEU B 92 3.45 -27.19 -0.36
C LEU B 92 2.23 -26.60 0.33
N SER B 93 1.21 -26.25 -0.46
CA SER B 93 0.00 -25.63 0.06
C SER B 93 -1.16 -26.62 0.02
N ILE B 94 -1.81 -26.78 1.16
CA ILE B 94 -2.81 -27.83 1.39
C ILE B 94 -4.10 -27.14 1.83
N ASN B 95 -5.20 -27.54 1.22
CA ASN B 95 -6.48 -26.99 1.61
C ASN B 95 -6.93 -27.60 2.93
N PHE B 96 -7.42 -26.75 3.81
CA PHE B 96 -7.92 -27.15 5.12
C PHE B 96 -9.42 -27.32 5.05
N LEU B 97 -9.92 -28.49 5.44
CA LEU B 97 -11.34 -28.76 5.29
C LEU B 97 -12.16 -27.92 6.25
N PRO B 98 -13.22 -27.26 5.80
CA PRO B 98 -14.05 -26.44 6.70
C PRO B 98 -14.68 -27.28 7.78
N ASN B 99 -14.56 -26.83 9.03
CA ASN B 99 -15.09 -27.52 10.20
C ASN B 99 -14.53 -28.93 10.34
N ALA B 100 -13.26 -29.09 9.97
CA ALA B 100 -12.51 -30.33 10.16
C ALA B 100 -12.55 -30.69 11.64
N ILE B 101 -11.47 -30.40 12.35
CA ILE B 101 -11.36 -30.78 13.76
C ILE B 101 -11.71 -29.56 14.58
N TYR B 102 -12.65 -29.71 15.51
CA TYR B 102 -13.08 -28.57 16.31
C TYR B 102 -12.26 -28.37 17.57
N VAL B 103 -12.48 -29.21 18.58
CA VAL B 103 -11.99 -28.95 19.93
C VAL B 103 -10.47 -28.93 19.94
N PRO B 104 -9.70 -30.05 20.11
CA PRO B 104 -8.25 -29.86 20.06
C PRO B 104 -7.70 -30.21 18.69
N GLU B 105 -6.46 -29.83 18.47
CA GLU B 105 -5.80 -30.15 17.22
C GLU B 105 -5.25 -31.54 17.44
N ARG B 106 -6.08 -32.53 17.19
CA ARG B 106 -5.80 -33.91 17.56
C ARG B 106 -4.61 -34.48 16.81
N CYS B 107 -4.85 -34.96 15.60
CA CYS B 107 -3.82 -35.63 14.83
C CYS B 107 -3.00 -34.66 13.99
N ILE B 108 -2.77 -33.43 14.47
CA ILE B 108 -1.74 -32.60 13.85
C ILE B 108 -0.39 -33.26 14.03
N ARG B 109 -0.27 -34.14 15.02
CA ARG B 109 0.93 -34.96 15.15
C ARG B 109 1.14 -35.79 13.88
N THR B 110 0.04 -36.34 13.33
CA THR B 110 0.14 -37.17 12.13
C THR B 110 0.62 -36.35 10.95
N THR B 111 0.32 -35.06 10.92
CA THR B 111 0.92 -34.18 9.92
C THR B 111 2.39 -33.95 10.24
N LEU B 112 2.70 -33.70 11.51
CA LEU B 112 4.09 -33.57 11.94
C LEU B 112 4.85 -34.85 11.64
N GLU B 113 4.22 -36.01 11.89
CA GLU B 113 4.88 -37.28 11.63
C GLU B 113 5.16 -37.46 10.14
N ALA B 114 4.20 -37.12 9.30
CA ALA B 114 4.39 -37.25 7.85
C ALA B 114 5.51 -36.33 7.37
N ALA B 115 5.50 -35.08 7.82
CA ALA B 115 6.57 -34.16 7.45
C ALA B 115 7.93 -34.68 7.89
N LYS B 116 8.00 -35.23 9.12
CA LYS B 116 9.26 -35.78 9.61
C LYS B 116 9.68 -36.97 8.77
N ARG B 117 8.75 -37.89 8.53
CA ARG B 117 9.05 -39.12 7.80
C ARG B 117 9.55 -38.80 6.38
N TYR B 118 8.95 -37.81 5.73
CA TYR B 118 9.33 -37.44 4.37
C TYR B 118 10.32 -36.30 4.30
N GLN B 119 10.93 -35.90 5.41
CA GLN B 119 11.98 -34.88 5.42
C GLN B 119 11.50 -33.59 4.75
N PHE B 120 10.26 -33.21 5.03
CA PHE B 120 9.66 -32.01 4.47
C PHE B 120 9.52 -30.97 5.57
N PRO B 121 10.16 -29.81 5.43
CA PRO B 121 10.13 -28.80 6.51
C PRO B 121 8.71 -28.31 6.80
N ILE B 122 8.38 -28.19 8.10
CA ILE B 122 7.08 -27.66 8.51
C ILE B 122 6.87 -26.26 7.95
N GLU B 123 7.92 -25.45 7.94
CA GLU B 123 7.84 -24.09 7.43
C GLU B 123 7.62 -24.03 5.92
N ASN B 124 7.72 -25.15 5.20
CA ASN B 124 7.43 -25.15 3.77
C ASN B 124 6.03 -25.64 3.46
N ILE B 125 5.21 -25.86 4.49
CA ILE B 125 3.83 -26.30 4.31
C ILE B 125 2.90 -25.15 4.63
N MET B 126 1.99 -24.85 3.71
CA MET B 126 1.00 -23.79 3.92
C MET B 126 -0.39 -24.42 3.95
N PHE B 127 -1.21 -23.98 4.89
CA PHE B 127 -2.60 -24.41 4.95
C PHE B 127 -3.49 -23.28 4.49
N GLU B 128 -4.40 -23.59 3.58
CA GLU B 128 -5.34 -22.64 3.03
C GLU B 128 -6.68 -22.87 3.71
N PHE B 129 -7.23 -21.82 4.30
CA PHE B 129 -8.49 -21.85 5.04
C PHE B 129 -9.55 -21.14 4.20
N THR B 130 -10.63 -21.85 3.91
CA THR B 130 -11.76 -21.30 3.15
C THR B 130 -13.05 -21.61 3.90
N GLU B 131 -13.62 -20.60 4.56
CA GLU B 131 -14.85 -20.83 5.30
C GLU B 131 -16.01 -21.02 4.31
N ALA B 132 -17.03 -21.74 4.75
CA ALA B 132 -18.18 -22.02 3.89
C ALA B 132 -19.38 -22.43 4.71
N GLU B 133 -19.31 -22.29 6.02
CA GLU B 133 -20.43 -22.49 6.92
C GLU B 133 -20.92 -21.17 7.51
N ARG B 134 -22.03 -21.26 8.22
CA ARG B 134 -22.65 -20.12 8.90
C ARG B 134 -22.05 -20.12 10.29
N VAL B 135 -20.85 -19.55 10.41
CA VAL B 135 -20.04 -19.71 11.61
C VAL B 135 -19.80 -18.34 12.24
N GLU B 136 -20.53 -18.07 13.31
CA GLU B 136 -20.35 -16.87 14.12
C GLU B 136 -19.17 -17.02 15.08
N ASP B 137 -18.52 -18.18 15.07
CA ASP B 137 -17.39 -18.40 15.97
C ASP B 137 -16.20 -17.54 15.55
N VAL B 138 -15.67 -17.76 14.35
CA VAL B 138 -14.54 -17.01 13.81
C VAL B 138 -13.34 -17.20 14.72
N ASN B 139 -13.54 -17.10 16.05
CA ASN B 139 -12.48 -17.45 16.97
C ASN B 139 -12.07 -18.91 16.86
N HIS B 140 -12.94 -19.77 16.33
CA HIS B 140 -12.53 -21.14 16.07
C HIS B 140 -11.47 -21.18 15.00
N ILE B 141 -11.73 -20.50 13.86
CA ILE B 141 -10.74 -20.43 12.80
C ILE B 141 -9.52 -19.68 13.30
N LYS B 142 -9.74 -18.63 14.09
CA LYS B 142 -8.63 -17.86 14.65
C LYS B 142 -7.73 -18.77 15.48
N ARG B 143 -8.34 -19.63 16.31
CA ARG B 143 -7.55 -20.50 17.18
C ARG B 143 -6.78 -21.53 16.37
N ILE B 144 -7.40 -22.09 15.33
CA ILE B 144 -6.67 -23.01 14.46
C ILE B 144 -5.53 -22.29 13.75
N VAL B 145 -5.82 -21.11 13.21
CA VAL B 145 -4.82 -20.40 12.43
C VAL B 145 -3.64 -19.99 13.30
N GLU B 146 -3.92 -19.46 14.48
CA GLU B 146 -2.82 -18.97 15.31
C GLU B 146 -1.96 -20.08 15.88
N TYR B 147 -2.51 -21.27 16.16
CA TYR B 147 -1.65 -22.32 16.67
C TYR B 147 -0.79 -22.89 15.55
N TYR B 148 -1.35 -23.05 14.35
CA TYR B 148 -0.56 -23.55 13.23
C TYR B 148 0.61 -22.63 12.95
N LYS B 149 0.37 -21.32 12.95
CA LYS B 149 1.47 -20.39 12.83
C LYS B 149 2.48 -20.60 13.94
N SER B 150 2.01 -20.93 15.15
CA SER B 150 2.92 -21.14 16.27
C SER B 150 3.76 -22.40 16.10
N LEU B 151 3.32 -23.36 15.29
CA LEU B 151 4.13 -24.54 15.03
C LEU B 151 5.11 -24.31 13.89
N GLY B 152 4.96 -23.21 13.16
CA GLY B 152 5.83 -22.90 12.04
C GLY B 152 5.17 -22.98 10.69
N PHE B 153 3.94 -23.49 10.61
CA PHE B 153 3.24 -23.56 9.34
C PHE B 153 2.94 -22.17 8.82
N GLN B 154 2.95 -22.04 7.49
CA GLN B 154 2.37 -20.90 6.80
C GLN B 154 0.85 -21.07 6.72
N THR B 155 0.14 -19.94 6.57
CA THR B 155 -1.31 -19.91 6.54
C THR B 155 -1.81 -18.97 5.45
N ALA B 156 -2.96 -19.32 4.90
CA ALA B 156 -3.60 -18.48 3.89
C ALA B 156 -5.09 -18.48 4.09
N ILE B 157 -5.71 -17.33 3.86
CA ILE B 157 -7.14 -17.26 3.61
C ILE B 157 -7.37 -17.48 2.13
N ASP B 158 -8.22 -18.44 1.81
CA ASP B 158 -8.49 -18.85 0.43
C ASP B 158 -9.78 -18.21 -0.06
N ASP B 159 -9.88 -18.00 -1.37
CA ASP B 159 -11.11 -17.51 -2.00
C ASP B 159 -11.58 -16.17 -1.40
N PHE B 160 -10.61 -15.31 -1.07
CA PHE B 160 -10.96 -14.04 -0.44
C PHE B 160 -11.76 -13.17 -1.39
N GLY B 161 -12.91 -12.72 -0.93
CA GLY B 161 -13.82 -11.97 -1.76
C GLY B 161 -14.89 -12.82 -2.41
N SER B 162 -15.08 -14.04 -1.92
CA SER B 162 -16.22 -14.86 -2.28
C SER B 162 -16.69 -15.61 -1.04
N GLY B 163 -17.99 -15.84 -0.94
CA GLY B 163 -18.48 -16.63 0.16
C GLY B 163 -18.29 -16.03 1.54
N TYR B 164 -17.94 -16.90 2.50
CA TYR B 164 -17.67 -16.49 3.86
C TYR B 164 -16.24 -16.06 4.08
N SER B 165 -15.48 -15.95 3.01
CA SER B 165 -14.07 -15.61 3.07
C SER B 165 -13.95 -14.15 2.66
N GLY B 166 -14.02 -13.29 3.64
CA GLY B 166 -14.00 -11.86 3.38
C GLY B 166 -13.38 -11.11 4.52
N LEU B 167 -13.80 -9.85 4.64
CA LEU B 167 -13.22 -8.94 5.62
C LEU B 167 -13.46 -9.40 7.05
N ASN B 168 -14.53 -10.17 7.31
CA ASN B 168 -14.80 -10.61 8.66
C ASN B 168 -13.68 -11.50 9.20
N LEU B 169 -13.12 -12.35 8.34
CA LEU B 169 -11.98 -13.16 8.75
C LEU B 169 -10.81 -12.26 9.15
N LEU B 170 -10.43 -11.36 8.23
CA LEU B 170 -9.26 -10.51 8.41
C LEU B 170 -9.33 -9.63 9.65
N ALA B 171 -10.55 -9.24 10.09
CA ALA B 171 -10.67 -8.32 11.22
C ALA B 171 -10.15 -8.92 12.51
N ASP B 172 -10.27 -10.23 12.70
CA ASP B 172 -9.91 -10.84 13.96
C ASP B 172 -8.61 -11.65 13.92
N PHE B 173 -8.12 -12.00 12.74
CA PHE B 173 -6.81 -12.64 12.64
C PHE B 173 -6.27 -12.40 11.24
N GLN B 174 -4.95 -12.48 11.13
CA GLN B 174 -4.29 -12.28 9.86
C GLN B 174 -3.41 -13.48 9.55
N THR B 175 -3.56 -14.03 8.35
CA THR B 175 -2.72 -15.11 7.86
C THR B 175 -1.49 -14.51 7.18
N ASN B 176 -0.52 -15.38 6.84
CA ASN B 176 0.64 -14.94 6.08
C ASN B 176 0.24 -14.44 4.71
N ILE B 177 -0.70 -15.14 4.08
CA ILE B 177 -1.07 -14.91 2.69
C ILE B 177 -2.58 -14.84 2.60
N VAL B 178 -3.07 -14.04 1.67
CA VAL B 178 -4.48 -14.05 1.28
C VAL B 178 -4.54 -14.31 -0.21
N LYS B 179 -5.26 -15.36 -0.60
CA LYS B 179 -5.50 -15.69 -2.00
C LYS B 179 -6.80 -15.02 -2.44
N VAL B 180 -6.68 -14.04 -3.33
CA VAL B 180 -7.85 -13.32 -3.81
C VAL B 180 -8.60 -14.19 -4.80
N ASP B 181 -9.91 -14.30 -4.61
CA ASP B 181 -10.74 -15.14 -5.44
C ASP B 181 -10.66 -14.75 -6.92
N MET B 182 -10.74 -15.78 -7.78
CA MET B 182 -10.61 -15.55 -9.21
C MET B 182 -11.74 -14.70 -9.77
N GLY B 183 -12.89 -14.64 -9.08
CA GLY B 183 -13.97 -13.76 -9.53
C GLY B 183 -13.56 -12.29 -9.53
N LEU B 184 -12.69 -11.91 -8.59
CA LEU B 184 -12.15 -10.57 -8.51
C LEU B 184 -11.03 -10.34 -9.51
N ILE B 185 -10.35 -11.40 -9.95
CA ILE B 185 -9.23 -11.29 -10.86
C ILE B 185 -9.72 -11.25 -12.32
N ARG B 186 -10.86 -11.87 -12.62
CA ARG B 186 -11.27 -12.09 -13.99
C ARG B 186 -11.44 -10.76 -14.73
N ASN B 187 -10.70 -10.61 -15.84
CA ASN B 187 -10.77 -9.45 -16.72
C ASN B 187 -10.46 -8.13 -15.99
N ILE B 188 -9.60 -8.19 -14.97
CA ILE B 188 -9.36 -6.99 -14.16
C ILE B 188 -8.67 -5.88 -14.95
N HIS B 189 -7.86 -6.24 -15.95
CA HIS B 189 -7.19 -5.24 -16.81
C HIS B 189 -8.18 -4.33 -17.51
N ALA B 190 -9.42 -4.75 -17.67
CA ALA B 190 -10.43 -3.96 -18.38
C ALA B 190 -11.65 -3.63 -17.52
N ASP B 191 -11.62 -3.95 -16.23
CA ASP B 191 -12.80 -3.79 -15.36
C ASP B 191 -12.46 -2.74 -14.29
N GLN B 192 -12.98 -1.52 -14.46
CA GLN B 192 -12.64 -0.43 -13.55
C GLN B 192 -13.06 -0.70 -12.10
N VAL B 193 -14.18 -1.40 -11.88
CA VAL B 193 -14.60 -1.69 -10.51
C VAL B 193 -13.68 -2.71 -9.85
N ARG B 194 -13.35 -3.79 -10.57
CA ARG B 194 -12.41 -4.74 -10.00
C ARG B 194 -11.04 -4.10 -9.79
N GLN B 195 -10.67 -3.15 -10.65
CA GLN B 195 -9.43 -2.40 -10.45
C GLN B 195 -9.46 -1.63 -9.14
N SER B 196 -10.57 -0.93 -8.86
CA SER B 196 -10.64 -0.19 -7.59
C SER B 196 -10.67 -1.15 -6.40
N ILE B 197 -11.43 -2.25 -6.50
CA ILE B 197 -11.47 -3.24 -5.43
C ILE B 197 -10.07 -3.76 -5.11
N MET B 198 -9.32 -4.17 -6.14
CA MET B 198 -8.01 -4.77 -5.90
C MET B 198 -7.03 -3.74 -5.37
N LYS B 199 -7.05 -2.53 -5.94
CA LYS B 199 -6.09 -1.53 -5.49
C LYS B 199 -6.30 -1.21 -4.01
N ASN B 200 -7.56 -1.11 -3.58
CA ASN B 200 -7.79 -0.78 -2.18
C ASN B 200 -7.56 -2.00 -1.27
N CYS B 201 -7.80 -3.21 -1.77
CA CYS B 201 -7.46 -4.41 -0.99
C CYS B 201 -5.95 -4.57 -0.87
N LEU B 202 -5.20 -4.23 -1.92
CA LEU B 202 -3.75 -4.37 -1.84
C LEU B 202 -3.19 -3.43 -0.80
N LYS B 203 -3.79 -2.23 -0.69
CA LYS B 203 -3.38 -1.28 0.33
C LYS B 203 -3.75 -1.78 1.73
N LEU B 204 -4.95 -2.37 1.87
CA LEU B 204 -5.31 -3.02 3.12
C LEU B 204 -4.32 -4.14 3.49
N PHE B 205 -4.01 -5.02 2.53
CA PHE B 205 -3.08 -6.12 2.81
C PHE B 205 -1.72 -5.62 3.24
N SER B 206 -1.21 -4.59 2.58
CA SER B 206 0.05 -4.00 2.97
C SER B 206 -0.03 -3.43 4.39
N ASP B 207 -1.11 -2.72 4.70
CA ASP B 207 -1.29 -2.20 6.06
C ASP B 207 -1.30 -3.32 7.09
N LEU B 208 -1.85 -4.47 6.75
CA LEU B 208 -1.92 -5.58 7.69
C LEU B 208 -0.72 -6.51 7.61
N ASN B 209 0.28 -6.18 6.78
CA ASN B 209 1.45 -7.04 6.53
C ASN B 209 1.04 -8.44 6.09
N ILE B 210 0.14 -8.50 5.11
CA ILE B 210 -0.32 -9.75 4.52
C ILE B 210 0.14 -9.76 3.07
N GLN B 211 0.67 -10.90 2.61
CA GLN B 211 1.13 -11.02 1.23
C GLN B 211 -0.03 -11.44 0.33
N PRO B 212 -0.33 -10.69 -0.73
CA PRO B 212 -1.43 -11.10 -1.61
C PRO B 212 -0.99 -12.17 -2.58
N LEU B 213 -1.96 -12.98 -3.00
CA LEU B 213 -1.75 -13.97 -4.05
C LEU B 213 -2.97 -13.95 -4.96
N ALA B 214 -2.78 -13.68 -6.25
CA ALA B 214 -3.90 -13.59 -7.20
C ALA B 214 -4.14 -14.96 -7.80
N GLU B 215 -5.36 -15.45 -7.65
CA GLU B 215 -5.72 -16.80 -8.07
C GLU B 215 -6.56 -16.76 -9.35
N GLY B 216 -6.47 -17.82 -10.15
CA GLY B 216 -7.29 -17.96 -11.34
C GLY B 216 -6.89 -17.06 -12.49
N VAL B 217 -5.63 -16.67 -12.58
CA VAL B 217 -5.13 -15.86 -13.69
C VAL B 217 -5.17 -16.69 -14.97
N GLU B 218 -5.90 -16.20 -15.99
CA GLU B 218 -6.09 -16.95 -17.22
C GLU B 218 -5.47 -16.30 -18.44
N SER B 219 -5.06 -15.03 -18.38
CA SER B 219 -4.57 -14.41 -19.59
C SER B 219 -3.34 -13.57 -19.26
N HIS B 220 -2.54 -13.31 -20.28
CA HIS B 220 -1.42 -12.40 -20.12
C HIS B 220 -1.89 -11.02 -19.70
N ALA B 221 -3.05 -10.57 -20.22
CA ALA B 221 -3.56 -9.24 -19.86
C ALA B 221 -3.86 -9.12 -18.36
N GLU B 222 -4.49 -10.14 -17.76
CA GLU B 222 -4.70 -10.12 -16.31
C GLU B 222 -3.37 -10.15 -15.57
N PHE B 223 -2.49 -11.06 -15.95
CA PHE B 223 -1.16 -11.13 -15.33
C PHE B 223 -0.46 -9.76 -15.34
N ALA B 224 -0.45 -9.09 -16.49
CA ALA B 224 0.31 -7.84 -16.62
C ALA B 224 -0.27 -6.74 -15.73
N TRP B 225 -1.59 -6.64 -15.66
CA TRP B 225 -2.18 -5.64 -14.78
C TRP B 225 -1.84 -5.94 -13.32
N LEU B 226 -2.01 -7.20 -12.92
CA LEU B 226 -1.78 -7.58 -11.53
C LEU B 226 -0.33 -7.34 -11.13
N LYS B 227 0.60 -7.64 -12.04
CA LYS B 227 2.00 -7.40 -11.74
C LYS B 227 2.28 -5.91 -11.58
N ALA B 228 1.74 -5.08 -12.46
CA ALA B 228 1.91 -3.64 -12.29
C ALA B 228 1.22 -3.15 -11.03
N ALA B 229 0.12 -3.77 -10.63
CA ALA B 229 -0.54 -3.33 -9.40
C ALA B 229 0.23 -3.67 -8.15
N GLY B 230 1.27 -4.52 -8.25
CA GLY B 230 2.10 -4.87 -7.12
C GLY B 230 1.94 -6.32 -6.66
N VAL B 231 1.12 -7.13 -7.34
CA VAL B 231 0.99 -8.52 -6.92
C VAL B 231 2.21 -9.27 -7.40
N GLU B 232 2.81 -10.07 -6.51
CA GLU B 232 3.89 -10.95 -6.92
C GLU B 232 3.47 -12.42 -7.03
N LEU B 233 2.80 -12.95 -6.01
CA LEU B 233 2.40 -14.36 -6.08
C LEU B 233 1.14 -14.51 -6.92
N MET B 234 1.18 -15.44 -7.87
CA MET B 234 0.01 -15.68 -8.71
C MET B 234 -0.14 -17.16 -9.01
N GLN B 235 -1.36 -17.52 -9.40
CA GLN B 235 -1.71 -18.91 -9.71
C GLN B 235 -2.77 -18.88 -10.81
N GLY B 236 -2.71 -19.81 -11.74
CA GLY B 236 -3.77 -19.90 -12.72
C GLY B 236 -3.35 -20.65 -13.97
N TYR B 237 -4.37 -20.93 -14.79
CA TYR B 237 -4.17 -21.65 -16.05
C TYR B 237 -3.20 -20.92 -16.97
N TYR B 238 -3.11 -19.58 -16.90
CA TYR B 238 -2.13 -18.87 -17.71
C TYR B 238 -0.71 -19.40 -17.44
N PHE B 239 -0.41 -19.71 -16.17
CA PHE B 239 0.90 -20.23 -15.82
C PHE B 239 0.97 -21.74 -16.02
N ALA B 240 0.02 -22.49 -15.46
CA ALA B 240 -0.10 -23.92 -15.67
C ALA B 240 -1.38 -24.45 -15.02
N LYS B 241 -2.02 -25.39 -15.70
CA LYS B 241 -3.06 -26.19 -15.12
C LYS B 241 -2.49 -27.16 -14.09
N PRO B 242 -3.33 -27.68 -13.19
CA PRO B 242 -2.85 -28.69 -12.24
C PRO B 242 -2.35 -29.94 -12.95
N GLY B 243 -1.30 -30.54 -12.38
CA GLY B 243 -0.73 -31.73 -12.98
C GLY B 243 -0.99 -32.96 -12.13
N PHE B 244 -1.63 -33.96 -12.73
CA PHE B 244 -2.00 -35.18 -12.01
C PHE B 244 -0.76 -35.90 -11.52
N GLU B 245 -0.63 -36.01 -10.20
CA GLU B 245 0.52 -36.70 -9.58
C GLU B 245 1.83 -36.20 -10.15
N SER B 246 1.89 -34.90 -10.45
CA SER B 246 3.06 -34.37 -11.09
C SER B 246 3.24 -32.91 -10.72
N LEU B 247 4.44 -32.39 -10.97
CA LEU B 247 4.72 -30.98 -10.74
C LEU B 247 4.85 -30.30 -12.09
N PRO B 248 3.82 -29.60 -12.55
CA PRO B 248 3.87 -28.98 -13.87
C PRO B 248 4.93 -27.89 -13.97
N SER B 249 5.52 -27.77 -15.15
CA SER B 249 6.35 -26.63 -15.47
C SER B 249 5.45 -25.44 -15.86
N VAL B 250 6.02 -24.26 -15.89
CA VAL B 250 5.26 -23.03 -16.06
C VAL B 250 5.41 -22.53 -17.49
N ASN B 251 4.33 -21.92 -18.02
CA ASN B 251 4.28 -21.23 -19.31
C ASN B 251 5.62 -20.56 -19.64
N PRO B 252 6.26 -20.91 -20.76
CA PRO B 252 7.54 -20.25 -21.07
C PRO B 252 7.40 -18.77 -21.40
N GLU B 253 6.21 -18.30 -21.78
CA GLU B 253 6.05 -16.86 -22.04
C GLU B 253 6.30 -16.09 -20.74
N PHE B 254 5.96 -16.69 -19.61
CA PHE B 254 6.22 -16.08 -18.32
C PHE B 254 7.62 -16.41 -17.76
N SER B 255 8.06 -17.66 -17.91
CA SER B 255 9.24 -18.10 -17.16
C SER B 255 10.55 -17.76 -17.86
N GLU B 256 10.56 -17.60 -19.19
CA GLU B 256 11.77 -17.25 -19.92
C GLU B 256 11.83 -15.79 -20.34
N ALA B 257 11.04 -14.92 -19.71
CA ALA B 257 11.06 -13.49 -20.04
C ALA B 257 12.14 -12.72 -19.26
N SER C 21 51.82 13.80 -3.43
CA SER C 21 52.47 15.09 -3.26
C SER C 21 51.46 16.14 -2.80
N LEU C 22 51.20 16.18 -1.49
CA LEU C 22 50.20 17.07 -0.92
C LEU C 22 50.83 18.02 0.08
N ASP C 23 50.18 19.17 0.24
CA ASP C 23 50.63 20.19 1.17
C ASP C 23 50.69 19.68 2.61
N PHE C 24 49.86 18.70 2.95
CA PHE C 24 49.72 18.21 4.32
C PHE C 24 49.72 16.69 4.33
N ASP C 25 49.76 16.15 5.55
CA ASP C 25 49.73 14.71 5.78
C ASP C 25 48.62 14.37 6.77
N PHE C 26 48.23 13.10 6.77
CA PHE C 26 47.10 12.59 7.53
C PHE C 26 47.24 11.07 7.65
N THR C 27 46.33 10.47 8.40
CA THR C 27 46.31 9.02 8.54
C THR C 27 44.84 8.59 8.64
N MET C 28 44.58 7.40 9.18
CA MET C 28 43.24 6.82 9.16
C MET C 28 42.83 6.32 10.54
N ALA C 29 41.55 6.44 10.82
CA ALA C 29 40.88 5.64 11.84
C ALA C 29 40.02 4.59 11.14
N PHE C 30 39.66 3.56 11.89
CA PHE C 30 38.88 2.46 11.36
C PHE C 30 37.71 2.17 12.31
N GLN C 31 36.52 1.94 11.72
CA GLN C 31 35.33 1.64 12.49
C GLN C 31 34.72 0.33 11.97
N PRO C 32 34.47 -0.62 12.86
CA PRO C 32 33.98 -1.93 12.42
C PRO C 32 32.55 -1.89 11.92
N ILE C 33 32.28 -2.75 10.93
CA ILE C 33 30.93 -3.04 10.48
C ILE C 33 30.61 -4.45 10.97
N VAL C 34 29.48 -4.63 11.67
CA VAL C 34 29.17 -5.92 12.26
C VAL C 34 28.09 -6.59 11.43
N ASN C 35 28.18 -7.91 11.33
CA ASN C 35 27.06 -8.70 10.81
C ASN C 35 26.34 -9.28 12.00
N CYS C 36 25.17 -8.74 12.32
CA CYS C 36 24.44 -9.21 13.50
C CYS C 36 23.81 -10.56 13.27
N ARG C 37 23.75 -11.04 12.03
CA ARG C 37 23.21 -12.37 11.77
C ARG C 37 24.27 -13.45 12.00
N THR C 38 25.43 -13.31 11.36
CA THR C 38 26.50 -14.29 11.52
C THR C 38 27.32 -14.01 12.76
N LYS C 39 27.11 -12.85 13.39
CA LYS C 39 27.83 -12.42 14.59
C LYS C 39 29.32 -12.26 14.32
N GLU C 40 29.68 -11.97 13.07
CA GLU C 40 31.06 -11.74 12.67
C GLU C 40 31.27 -10.27 12.32
N ILE C 41 32.53 -9.87 12.31
CA ILE C 41 32.88 -8.54 11.82
C ILE C 41 32.99 -8.62 10.30
N PHE C 42 32.22 -7.78 9.62
CA PHE C 42 32.21 -7.73 8.16
C PHE C 42 33.45 -7.02 7.61
N GLY C 43 33.90 -5.99 8.31
CA GLY C 43 34.97 -5.17 7.81
C GLY C 43 35.08 -3.92 8.64
N TYR C 44 35.87 -2.97 8.13
CA TYR C 44 36.08 -1.70 8.80
C TYR C 44 36.02 -0.63 7.74
N GLU C 45 35.33 0.47 8.06
CA GLU C 45 35.42 1.68 7.26
C GLU C 45 36.63 2.48 7.70
N ALA C 46 37.46 2.86 6.73
CA ALA C 46 38.56 3.79 6.98
C ALA C 46 38.03 5.22 6.98
N LEU C 47 38.42 6.00 8.00
CA LEU C 47 37.96 7.37 8.21
C LEU C 47 39.19 8.24 8.41
N VAL C 48 39.32 9.27 7.55
CA VAL C 48 40.55 10.05 7.52
C VAL C 48 40.67 10.88 8.80
N ARG C 49 41.89 10.96 9.34
CA ARG C 49 42.21 11.74 10.53
C ARG C 49 43.50 12.49 10.29
N GLY C 50 43.72 13.54 11.09
CA GLY C 50 45.00 14.20 11.09
C GLY C 50 46.00 13.39 11.90
N LEU C 51 47.28 13.75 11.76
CA LEU C 51 48.32 12.98 12.44
C LEU C 51 48.15 12.97 13.97
N ASN C 52 47.46 13.95 14.53
CA ASN C 52 47.20 13.99 15.96
C ASN C 52 45.72 13.78 16.26
N ASN C 53 45.09 12.89 15.48
CA ASN C 53 43.68 12.50 15.62
C ASN C 53 42.76 13.69 15.38
N GLU C 54 43.20 14.65 14.58
CA GLU C 54 42.31 15.73 14.17
C GLU C 54 41.14 15.16 13.37
N SER C 55 40.04 15.89 13.37
CA SER C 55 38.80 15.40 12.78
C SER C 55 38.94 15.27 11.25
N ALA C 56 38.09 14.41 10.69
CA ALA C 56 38.06 14.23 9.24
C ALA C 56 37.75 15.54 8.55
N TYR C 57 36.83 16.33 9.11
CA TYR C 57 36.44 17.57 8.45
C TYR C 57 37.63 18.53 8.38
N SER C 58 38.46 18.59 9.42
CA SER C 58 39.62 19.46 9.38
C SER C 58 40.62 19.04 8.30
N VAL C 59 40.73 17.74 8.03
CA VAL C 59 41.61 17.27 6.96
C VAL C 59 41.00 17.59 5.61
N ILE C 60 39.74 17.18 5.42
CA ILE C 60 39.06 17.39 4.14
C ILE C 60 38.89 18.88 3.85
N SER C 61 38.84 19.72 4.89
CA SER C 61 38.77 21.16 4.68
C SER C 61 39.97 21.70 3.91
N ARG C 62 41.11 21.04 4.02
CA ARG C 62 42.29 21.47 3.28
C ARG C 62 42.27 21.01 1.83
N VAL C 63 41.30 20.20 1.42
CA VAL C 63 41.23 19.69 0.06
C VAL C 63 40.50 20.71 -0.82
N ASN C 64 41.14 21.11 -1.90
CA ASN C 64 40.53 21.99 -2.88
C ASN C 64 40.45 21.26 -4.23
N GLU C 65 40.04 21.98 -5.28
CA GLU C 65 39.87 21.35 -6.58
C GLU C 65 41.20 20.86 -7.14
N ASP C 66 42.30 21.52 -6.79
CA ASP C 66 43.61 21.08 -7.22
C ASP C 66 44.15 19.94 -6.38
N ASN C 67 43.44 19.57 -5.31
CA ASN C 67 43.82 18.47 -4.42
C ASN C 67 43.00 17.22 -4.57
N ARG C 68 41.73 17.35 -4.99
CA ARG C 68 40.75 16.27 -4.88
C ARG C 68 41.30 14.92 -5.34
N TYR C 69 41.87 14.87 -6.55
CA TYR C 69 42.36 13.62 -7.10
C TYR C 69 43.45 13.02 -6.23
N LEU C 70 44.52 13.77 -6.00
CA LEU C 70 45.67 13.23 -5.27
C LEU C 70 45.29 12.87 -3.84
N PHE C 71 44.49 13.70 -3.19
CA PHE C 71 44.05 13.40 -1.83
C PHE C 71 43.29 12.07 -1.79
N ASP C 72 42.40 11.89 -2.76
CA ASP C 72 41.59 10.68 -2.84
C ASP C 72 42.47 9.45 -3.02
N GLN C 73 43.53 9.58 -3.84
CA GLN C 73 44.45 8.47 -4.05
C GLN C 73 45.25 8.17 -2.78
N MET C 74 45.70 9.22 -2.08
CA MET C 74 46.47 8.99 -0.85
C MET C 74 45.63 8.28 0.20
N CYS C 75 44.37 8.68 0.33
CA CYS C 75 43.46 8.01 1.27
C CYS C 75 43.40 6.52 1.00
N ARG C 76 43.29 6.14 -0.27
CA ARG C 76 43.17 4.73 -0.61
C ARG C 76 44.43 3.97 -0.21
N VAL C 77 45.61 4.50 -0.58
CA VAL C 77 46.86 3.78 -0.32
C VAL C 77 47.15 3.73 1.18
N LYS C 78 46.90 4.84 1.88
CA LYS C 78 47.09 4.89 3.32
C LYS C 78 46.18 3.89 4.03
N ALA C 79 44.91 3.83 3.61
CA ALA C 79 43.99 2.90 4.25
C ALA C 79 44.43 1.45 4.01
N ILE C 80 44.80 1.14 2.77
CA ILE C 80 45.27 -0.20 2.45
C ILE C 80 46.53 -0.53 3.24
N ALA C 81 47.50 0.39 3.26
CA ALA C 81 48.77 0.11 3.93
C ALA C 81 48.57 -0.09 5.44
N LEU C 82 47.80 0.79 6.07
CA LEU C 82 47.57 0.68 7.52
C LEU C 82 46.79 -0.56 7.86
N ALA C 83 45.71 -0.83 7.11
CA ALA C 83 44.92 -2.02 7.37
C ALA C 83 45.79 -3.27 7.28
N ALA C 84 46.66 -3.33 6.26
CA ALA C 84 47.58 -4.45 6.15
C ALA C 84 48.52 -4.50 7.35
N LYS C 85 49.05 -3.35 7.76
CA LYS C 85 49.99 -3.31 8.88
C LYS C 85 49.32 -3.76 10.17
N LEU C 86 48.04 -3.41 10.34
CA LEU C 86 47.26 -3.79 11.50
C LEU C 86 46.74 -5.21 11.40
N GLY C 87 46.93 -5.87 10.26
CA GLY C 87 46.54 -7.27 10.13
C GLY C 87 45.08 -7.49 9.85
N LEU C 88 44.43 -6.55 9.17
CA LEU C 88 43.03 -6.67 8.82
C LEU C 88 42.78 -7.85 7.89
N THR C 89 41.86 -8.73 8.27
CA THR C 89 41.54 -9.89 7.45
C THR C 89 40.12 -9.88 6.91
N SER C 90 39.30 -8.89 7.25
CA SER C 90 37.96 -8.76 6.68
C SER C 90 37.93 -7.59 5.67
N LYS C 91 36.73 -7.05 5.40
CA LYS C 91 36.66 -6.07 4.33
C LYS C 91 37.18 -4.72 4.79
N LEU C 92 37.70 -3.94 3.83
CA LEU C 92 38.16 -2.57 4.03
C LEU C 92 37.29 -1.66 3.18
N SER C 93 36.58 -0.73 3.81
CA SER C 93 35.66 0.15 3.09
C SER C 93 36.22 1.57 3.05
N ILE C 94 36.31 2.13 1.84
CA ILE C 94 37.02 3.38 1.59
C ILE C 94 36.06 4.35 0.95
N ASN C 95 36.02 5.58 1.48
CA ASN C 95 35.16 6.61 0.94
C ASN C 95 35.74 7.18 -0.34
N PHE C 96 34.87 7.37 -1.32
CA PHE C 96 35.19 8.00 -2.59
C PHE C 96 34.72 9.45 -2.54
N LEU C 97 35.62 10.38 -2.83
CA LEU C 97 35.32 11.80 -2.67
C LEU C 97 34.31 12.28 -3.71
N PRO C 98 33.33 13.10 -3.32
CA PRO C 98 32.35 13.61 -4.29
C PRO C 98 33.06 14.41 -5.37
N ASN C 99 32.89 13.96 -6.62
CA ASN C 99 33.52 14.59 -7.79
C ASN C 99 35.02 14.35 -7.79
N ALA C 100 35.44 13.15 -7.42
CA ALA C 100 36.84 12.74 -7.38
C ALA C 100 37.48 12.55 -8.76
N ILE C 101 37.63 11.29 -9.17
CA ILE C 101 38.43 10.96 -10.34
C ILE C 101 37.53 10.81 -11.55
N TYR C 102 38.13 10.62 -12.72
CA TYR C 102 37.40 10.59 -13.97
C TYR C 102 36.88 9.18 -14.28
N VAL C 103 36.25 9.04 -15.45
CA VAL C 103 35.45 7.84 -15.73
C VAL C 103 36.29 6.56 -15.80
N PRO C 104 37.40 6.48 -16.60
CA PRO C 104 38.10 5.20 -16.73
C PRO C 104 39.30 5.06 -15.79
N GLU C 105 40.24 4.18 -16.17
CA GLU C 105 41.44 3.89 -15.40
C GLU C 105 42.23 5.09 -14.89
N ARG C 106 41.57 6.16 -14.47
CA ARG C 106 42.32 7.35 -14.08
C ARG C 106 43.19 7.01 -12.88
N CYS C 107 44.27 6.27 -13.15
CA CYS C 107 45.20 5.76 -12.15
C CYS C 107 44.51 4.99 -11.02
N ILE C 108 43.44 4.25 -11.33
CA ILE C 108 43.04 3.20 -10.39
C ILE C 108 44.13 2.15 -10.33
N ARG C 109 45.05 2.17 -11.29
CA ARG C 109 46.22 1.29 -11.27
C ARG C 109 46.96 1.40 -9.94
N THR C 110 47.13 2.63 -9.42
CA THR C 110 47.85 2.81 -8.17
C THR C 110 47.10 2.16 -7.00
N THR C 111 45.78 2.09 -7.08
CA THR C 111 45.01 1.36 -6.09
C THR C 111 45.23 -0.14 -6.23
N LEU C 112 45.16 -0.65 -7.46
CA LEU C 112 45.44 -2.06 -7.72
C LEU C 112 46.86 -2.44 -7.29
N GLU C 113 47.83 -1.59 -7.61
CA GLU C 113 49.20 -1.91 -7.27
C GLU C 113 49.40 -1.95 -5.76
N ALA C 114 48.81 -1.01 -5.03
CA ALA C 114 48.93 -0.99 -3.58
C ALA C 114 48.32 -2.22 -2.95
N ALA C 115 47.10 -2.58 -3.39
CA ALA C 115 46.45 -3.80 -2.90
C ALA C 115 47.34 -5.02 -3.13
N LYS C 116 47.94 -5.09 -4.32
CA LYS C 116 48.82 -6.22 -4.63
C LYS C 116 50.05 -6.22 -3.73
N ARG C 117 50.70 -5.06 -3.60
CA ARG C 117 51.93 -4.99 -2.83
C ARG C 117 51.70 -5.36 -1.36
N TYR C 118 50.55 -4.98 -0.81
CA TYR C 118 50.22 -5.32 0.57
C TYR C 118 49.43 -6.61 0.67
N GLN C 119 49.30 -7.35 -0.42
CA GLN C 119 48.60 -8.62 -0.43
C GLN C 119 47.20 -8.46 0.16
N PHE C 120 46.50 -7.38 -0.23
CA PHE C 120 45.14 -7.18 0.21
C PHE C 120 44.23 -7.53 -0.95
N PRO C 121 43.37 -8.53 -0.82
CA PRO C 121 42.58 -8.97 -1.98
C PRO C 121 41.65 -7.86 -2.43
N ILE C 122 41.56 -7.68 -3.76
CA ILE C 122 40.69 -6.67 -4.34
C ILE C 122 39.25 -6.88 -3.91
N GLU C 123 38.80 -8.13 -3.85
CA GLU C 123 37.40 -8.41 -3.49
C GLU C 123 37.09 -8.07 -2.05
N ASN C 124 38.09 -7.79 -1.22
CA ASN C 124 37.89 -7.38 0.17
C ASN C 124 37.91 -5.87 0.32
N ILE C 125 37.99 -5.13 -0.77
CA ILE C 125 37.96 -3.67 -0.75
C ILE C 125 36.63 -3.20 -1.29
N MET C 126 35.95 -2.35 -0.52
CA MET C 126 34.70 -1.75 -0.90
C MET C 126 34.90 -0.24 -1.00
N PHE C 127 34.35 0.37 -2.05
CA PHE C 127 34.35 1.81 -2.20
C PHE C 127 32.96 2.36 -1.96
N GLU C 128 32.88 3.40 -1.14
CA GLU C 128 31.61 4.03 -0.78
C GLU C 128 31.46 5.31 -1.57
N PHE C 129 30.31 5.46 -2.23
CA PHE C 129 30.00 6.60 -3.08
C PHE C 129 28.90 7.42 -2.41
N THR C 130 29.17 8.70 -2.17
CA THR C 130 28.18 9.61 -1.61
C THR C 130 28.11 10.83 -2.53
N GLU C 131 27.05 10.90 -3.32
CA GLU C 131 26.93 11.97 -4.28
C GLU C 131 26.67 13.30 -3.56
N ALA C 132 27.04 14.39 -4.25
CA ALA C 132 26.89 15.72 -3.68
C ALA C 132 26.88 16.71 -4.84
N GLU C 133 25.67 16.98 -5.36
CA GLU C 133 25.37 18.06 -6.30
C GLU C 133 25.70 17.68 -7.75
N ARG C 134 25.59 16.39 -8.09
CA ARG C 134 25.78 15.96 -9.48
C ARG C 134 24.42 15.79 -10.15
N VAL C 135 24.24 16.46 -11.29
CA VAL C 135 22.96 16.45 -12.00
C VAL C 135 23.15 16.12 -13.48
N GLU C 136 24.27 16.56 -14.06
CA GLU C 136 24.49 16.48 -15.51
C GLU C 136 24.79 15.08 -16.02
N ASP C 137 26.05 14.65 -15.96
CA ASP C 137 26.42 13.31 -16.42
C ASP C 137 25.81 12.27 -15.48
N VAL C 138 24.82 11.53 -15.99
CA VAL C 138 24.14 10.51 -15.19
C VAL C 138 24.95 9.20 -15.16
N ASN C 139 25.38 8.71 -16.32
CA ASN C 139 26.26 7.55 -16.41
C ASN C 139 27.64 7.79 -15.81
N HIS C 140 27.96 9.03 -15.42
CA HIS C 140 29.26 9.35 -14.83
C HIS C 140 29.53 8.49 -13.59
N ILE C 141 28.61 8.52 -12.62
CA ILE C 141 28.78 7.67 -11.44
C ILE C 141 28.58 6.21 -11.82
N LYS C 142 27.64 5.92 -12.71
CA LYS C 142 27.35 4.55 -13.13
C LYS C 142 28.56 3.87 -13.75
N ARG C 143 29.28 4.56 -14.65
CA ARG C 143 30.41 3.90 -15.30
C ARG C 143 31.54 3.60 -14.33
N ILE C 144 31.77 4.47 -13.34
CA ILE C 144 32.75 4.16 -12.29
C ILE C 144 32.32 2.93 -11.52
N VAL C 145 31.04 2.86 -11.13
CA VAL C 145 30.55 1.75 -10.33
C VAL C 145 30.68 0.44 -11.10
N GLU C 146 30.30 0.44 -12.37
CA GLU C 146 30.34 -0.79 -13.16
C GLU C 146 31.76 -1.19 -13.48
N TYR C 147 32.66 -0.21 -13.63
CA TYR C 147 34.05 -0.54 -13.87
C TYR C 147 34.71 -1.13 -12.63
N TYR C 148 34.45 -0.54 -11.46
CA TYR C 148 35.02 -1.10 -10.23
C TYR C 148 34.52 -2.51 -9.98
N LYS C 149 33.22 -2.74 -10.19
CA LYS C 149 32.66 -4.08 -10.07
C LYS C 149 33.36 -5.04 -11.00
N SER C 150 33.71 -4.59 -12.20
CA SER C 150 34.38 -5.45 -13.16
C SER C 150 35.79 -5.80 -12.71
N LEU C 151 36.38 -4.99 -11.82
CA LEU C 151 37.72 -5.30 -11.33
C LEU C 151 37.72 -6.20 -10.11
N GLY C 152 36.56 -6.42 -9.48
CA GLY C 152 36.44 -7.24 -8.30
C GLY C 152 36.11 -6.50 -7.03
N PHE C 153 36.16 -5.15 -7.06
CA PHE C 153 35.85 -4.35 -5.88
C PHE C 153 34.39 -4.50 -5.52
N GLN C 154 34.10 -4.38 -4.22
CA GLN C 154 32.74 -4.18 -3.75
C GLN C 154 32.40 -2.69 -3.83
N THR C 155 31.10 -2.38 -3.90
CA THR C 155 30.65 -0.99 -4.00
C THR C 155 29.50 -0.75 -3.06
N ALA C 156 29.41 0.48 -2.55
CA ALA C 156 28.28 0.84 -1.70
C ALA C 156 27.85 2.27 -2.00
N ILE C 157 26.54 2.48 -1.97
CA ILE C 157 26.00 3.83 -1.89
C ILE C 157 25.98 4.25 -0.42
N ASP C 158 26.60 5.38 -0.12
CA ASP C 158 26.69 5.86 1.26
C ASP C 158 25.62 6.91 1.52
N ASP C 159 25.23 7.05 2.79
CA ASP C 159 24.30 8.11 3.22
C ASP C 159 22.97 8.06 2.48
N PHE C 160 22.48 6.85 2.21
CA PHE C 160 21.25 6.73 1.46
C PHE C 160 20.08 7.29 2.26
N GLY C 161 19.34 8.21 1.68
CA GLY C 161 18.30 8.89 2.41
C GLY C 161 18.73 10.20 3.02
N SER C 162 19.81 10.79 2.52
CA SER C 162 20.14 12.17 2.82
C SER C 162 20.58 12.78 1.50
N GLY C 163 21.24 13.95 1.56
CA GLY C 163 21.67 14.72 0.41
C GLY C 163 21.23 14.29 -0.99
N TYR C 164 22.15 14.28 -1.95
CA TYR C 164 21.88 13.80 -3.31
C TYR C 164 21.97 12.29 -3.41
N SER C 165 22.02 11.58 -2.30
CA SER C 165 22.20 10.14 -2.30
C SER C 165 20.84 9.52 -2.01
N GLY C 166 20.11 9.22 -3.08
CA GLY C 166 18.75 8.71 -2.93
C GLY C 166 18.34 7.76 -4.02
N LEU C 167 17.03 7.72 -4.23
CA LEU C 167 16.43 6.76 -5.16
C LEU C 167 16.91 6.98 -6.59
N ASN C 168 17.30 8.20 -6.94
CA ASN C 168 17.75 8.46 -8.31
C ASN C 168 19.02 7.69 -8.63
N LEU C 169 19.93 7.55 -7.66
CA LEU C 169 21.11 6.72 -7.89
C LEU C 169 20.69 5.28 -8.14
N LEU C 170 19.87 4.74 -7.23
CA LEU C 170 19.47 3.34 -7.31
C LEU C 170 18.80 3.01 -8.62
N ALA C 171 18.08 3.96 -9.24
CA ALA C 171 17.33 3.69 -10.46
C ALA C 171 18.21 3.35 -11.64
N ASP C 172 19.42 3.91 -11.70
CA ASP C 172 20.30 3.73 -12.85
C ASP C 172 21.48 2.82 -12.60
N PHE C 173 21.84 2.54 -11.36
CA PHE C 173 22.86 1.52 -11.13
C PHE C 173 22.66 1.01 -9.73
N GLN C 174 23.08 -0.23 -9.49
CA GLN C 174 22.89 -0.86 -8.21
C GLN C 174 24.26 -1.30 -7.69
N THR C 175 24.59 -0.89 -6.47
CA THR C 175 25.81 -1.31 -5.80
C THR C 175 25.56 -2.61 -5.03
N ASN C 176 26.64 -3.24 -4.54
CA ASN C 176 26.50 -4.43 -3.69
C ASN C 176 25.79 -4.11 -2.39
N ILE C 177 26.07 -2.94 -1.80
CA ILE C 177 25.56 -2.57 -0.49
C ILE C 177 24.97 -1.16 -0.58
N VAL C 178 23.95 -0.91 0.23
CA VAL C 178 23.45 0.45 0.45
C VAL C 178 23.53 0.74 1.95
N LYS C 179 24.26 1.79 2.32
CA LYS C 179 24.35 2.24 3.69
C LYS C 179 23.28 3.30 3.92
N VAL C 180 22.29 2.97 4.74
CA VAL C 180 21.21 3.88 5.05
C VAL C 180 21.69 4.93 6.04
N ASP C 181 21.44 6.20 5.72
CA ASP C 181 21.88 7.32 6.51
C ASP C 181 21.39 7.22 7.96
N MET C 182 22.23 7.69 8.89
CA MET C 182 21.89 7.58 10.29
C MET C 182 20.67 8.41 10.65
N GLY C 183 20.36 9.44 9.84
CA GLY C 183 19.14 10.20 10.05
C GLY C 183 17.89 9.34 10.00
N LEU C 184 17.89 8.31 9.14
CA LEU C 184 16.76 7.37 9.04
C LEU C 184 16.76 6.33 10.14
N ILE C 185 17.91 6.06 10.74
CA ILE C 185 18.08 5.05 11.78
C ILE C 185 17.72 5.60 13.16
N ARG C 186 17.88 6.91 13.36
CA ARG C 186 17.84 7.50 14.69
C ARG C 186 16.46 7.32 15.33
N ASN C 187 16.45 6.70 16.51
CA ASN C 187 15.23 6.44 17.29
C ASN C 187 14.20 5.65 16.51
N ILE C 188 14.63 4.77 15.59
CA ILE C 188 13.68 4.10 14.72
C ILE C 188 12.74 3.17 15.50
N HIS C 189 13.20 2.66 16.64
CA HIS C 189 12.37 1.80 17.47
C HIS C 189 11.09 2.50 17.96
N ALA C 190 11.07 3.82 18.00
CA ALA C 190 9.93 4.57 18.51
C ALA C 190 9.32 5.50 17.47
N ASP C 191 9.80 5.48 16.23
CA ASP C 191 9.42 6.45 15.20
C ASP C 191 8.64 5.72 14.11
N GLN C 192 7.31 5.87 14.11
CA GLN C 192 6.49 5.12 13.17
C GLN C 192 6.78 5.47 11.72
N VAL C 193 7.11 6.73 11.42
CA VAL C 193 7.41 7.10 10.04
C VAL C 193 8.72 6.45 9.58
N ARG C 194 9.76 6.52 10.41
CA ARG C 194 11.03 5.90 10.03
C ARG C 194 10.91 4.39 9.90
N GLN C 195 10.07 3.76 10.72
CA GLN C 195 9.81 2.33 10.59
C GLN C 195 9.22 2.01 9.22
N SER C 196 8.21 2.78 8.78
CA SER C 196 7.63 2.56 7.44
C SER C 196 8.65 2.83 6.35
N ILE C 197 9.43 3.90 6.46
CA ILE C 197 10.46 4.12 5.43
C ILE C 197 11.40 2.91 5.34
N MET C 198 11.86 2.44 6.49
CA MET C 198 12.84 1.35 6.49
C MET C 198 12.22 0.05 6.06
N LYS C 199 10.99 -0.24 6.51
CA LYS C 199 10.33 -1.49 6.09
C LYS C 199 10.18 -1.52 4.57
N ASN C 200 9.75 -0.41 3.98
CA ASN C 200 9.57 -0.42 2.53
C ASN C 200 10.90 -0.35 1.77
N CYS C 201 11.89 0.36 2.31
CA CYS C 201 13.23 0.37 1.70
C CYS C 201 13.92 -0.99 1.81
N LEU C 202 13.70 -1.72 2.91
CA LEU C 202 14.34 -3.03 3.02
C LEU C 202 13.78 -3.99 1.98
N LYS C 203 12.48 -3.88 1.71
CA LYS C 203 11.88 -4.70 0.67
C LYS C 203 12.40 -4.31 -0.70
N LEU C 204 12.56 -3.00 -0.97
CA LEU C 204 13.18 -2.54 -2.20
C LEU C 204 14.61 -3.10 -2.38
N PHE C 205 15.43 -3.01 -1.33
CA PHE C 205 16.80 -3.49 -1.43
C PHE C 205 16.84 -4.99 -1.75
N SER C 206 15.98 -5.76 -1.08
CA SER C 206 15.85 -7.18 -1.38
C SER C 206 15.44 -7.41 -2.82
N ASP C 207 14.45 -6.64 -3.32
CA ASP C 207 14.03 -6.79 -4.72
C ASP C 207 15.18 -6.53 -5.68
N LEU C 208 16.07 -5.61 -5.32
CA LEU C 208 17.19 -5.25 -6.17
C LEU C 208 18.44 -6.10 -5.89
N ASN C 209 18.33 -7.08 -5.00
CA ASN C 209 19.47 -7.90 -4.57
C ASN C 209 20.62 -7.02 -4.06
N ILE C 210 20.28 -6.07 -3.20
CA ILE C 210 21.24 -5.18 -2.59
C ILE C 210 21.22 -5.46 -1.09
N GLN C 211 22.41 -5.54 -0.49
CA GLN C 211 22.49 -5.80 0.95
C GLN C 211 22.43 -4.48 1.71
N PRO C 212 21.48 -4.31 2.64
CA PRO C 212 21.41 -3.07 3.41
C PRO C 212 22.43 -3.03 4.54
N LEU C 213 22.83 -1.83 4.91
CA LEU C 213 23.73 -1.62 6.05
C LEU C 213 23.23 -0.41 6.80
N ALA C 214 22.90 -0.58 8.08
CA ALA C 214 22.36 0.51 8.88
C ALA C 214 23.51 1.22 9.59
N GLU C 215 23.64 2.49 9.33
CA GLU C 215 24.75 3.30 9.82
C GLU C 215 24.28 4.16 10.98
N GLY C 216 25.20 4.49 11.88
CA GLY C 216 24.95 5.37 13.00
C GLY C 216 24.11 4.77 14.10
N VAL C 217 24.13 3.45 14.27
CA VAL C 217 23.36 2.82 15.33
C VAL C 217 23.98 3.20 16.67
N GLU C 218 23.20 3.84 17.54
CA GLU C 218 23.74 4.35 18.79
C GLU C 218 23.19 3.67 20.04
N SER C 219 22.12 2.91 19.96
CA SER C 219 21.56 2.34 21.18
C SER C 219 21.10 0.91 20.92
N HIS C 220 20.97 0.15 22.00
CA HIS C 220 20.43 -1.20 21.88
C HIS C 220 19.03 -1.18 21.30
N ALA C 221 18.22 -0.16 21.67
CA ALA C 221 16.85 -0.10 21.16
C ALA C 221 16.82 0.02 19.62
N GLU C 222 17.67 0.86 19.04
CA GLU C 222 17.75 0.92 17.57
C GLU C 222 18.25 -0.41 17.02
N PHE C 223 19.36 -0.93 17.59
CA PHE C 223 19.89 -2.21 17.15
C PHE C 223 18.81 -3.28 17.11
N ALA C 224 18.01 -3.37 18.18
CA ALA C 224 17.03 -4.46 18.30
C ALA C 224 15.95 -4.35 17.24
N TRP C 225 15.45 -3.15 16.97
CA TRP C 225 14.44 -3.00 15.94
C TRP C 225 15.01 -3.37 14.58
N LEU C 226 16.22 -2.89 14.30
CA LEU C 226 16.82 -3.12 12.99
C LEU C 226 17.07 -4.59 12.77
N LYS C 227 17.55 -5.29 13.80
CA LYS C 227 17.76 -6.73 13.68
C LYS C 227 16.45 -7.46 13.46
N ALA C 228 15.40 -7.11 14.23
CA ALA C 228 14.10 -7.75 14.01
C ALA C 228 13.55 -7.44 12.63
N ALA C 229 13.87 -6.27 12.07
CA ALA C 229 13.40 -5.93 10.72
C ALA C 229 14.14 -6.65 9.62
N GLY C 230 15.22 -7.36 9.93
CA GLY C 230 15.96 -8.10 8.93
C GLY C 230 17.31 -7.54 8.56
N VAL C 231 17.77 -6.44 9.18
CA VAL C 231 19.06 -5.86 8.87
C VAL C 231 20.15 -6.74 9.48
N GLU C 232 21.18 -7.03 8.70
CA GLU C 232 22.32 -7.81 9.18
C GLU C 232 23.53 -6.93 9.43
N LEU C 233 23.96 -6.18 8.40
CA LEU C 233 25.13 -5.32 8.52
C LEU C 233 24.75 -4.02 9.20
N MET C 234 25.50 -3.67 10.24
CA MET C 234 25.27 -2.44 10.99
C MET C 234 26.60 -1.84 11.39
N GLN C 235 26.56 -0.53 11.68
CA GLN C 235 27.73 0.25 12.06
C GLN C 235 27.25 1.34 13.00
N GLY C 236 28.06 1.68 13.99
CA GLY C 236 27.74 2.79 14.87
C GLY C 236 28.43 2.72 16.21
N TYR C 237 28.33 3.85 16.93
CA TYR C 237 28.93 3.95 18.25
C TYR C 237 28.43 2.87 19.19
N TYR C 238 27.21 2.38 18.97
CA TYR C 238 26.70 1.29 19.80
C TYR C 238 27.65 0.10 19.77
N PHE C 239 28.25 -0.19 18.62
CA PHE C 239 29.20 -1.30 18.47
C PHE C 239 30.62 -0.89 18.81
N ALA C 240 31.11 0.20 18.22
CA ALA C 240 32.42 0.73 18.54
C ALA C 240 32.60 2.05 17.82
N LYS C 241 33.19 3.02 18.51
CA LYS C 241 33.65 4.24 17.88
C LYS C 241 34.87 3.95 16.99
N PRO C 242 35.16 4.82 16.03
CA PRO C 242 36.37 4.64 15.22
C PRO C 242 37.61 4.70 16.09
N GLY C 243 38.59 3.87 15.73
CA GLY C 243 39.85 3.80 16.47
C GLY C 243 41.01 4.35 15.67
N PHE C 244 41.71 5.32 16.25
CA PHE C 244 42.82 5.98 15.56
C PHE C 244 43.92 4.98 15.29
N GLU C 245 44.19 4.75 14.00
CA GLU C 245 45.25 3.85 13.54
C GLU C 245 45.16 2.48 14.22
N SER C 246 43.93 2.02 14.47
CA SER C 246 43.72 0.76 15.16
C SER C 246 42.41 0.12 14.69
N LEU C 247 42.23 -1.15 15.03
CA LEU C 247 41.00 -1.84 14.68
C LEU C 247 40.23 -2.10 15.98
N PRO C 248 39.25 -1.28 16.31
CA PRO C 248 38.54 -1.47 17.59
C PRO C 248 37.84 -2.82 17.65
N SER C 249 37.84 -3.41 18.83
CA SER C 249 37.01 -4.58 19.04
C SER C 249 35.56 -4.15 19.23
N VAL C 250 34.64 -5.11 19.13
CA VAL C 250 33.23 -4.81 19.09
C VAL C 250 32.60 -5.12 20.43
N ASN C 251 31.67 -4.24 20.84
CA ASN C 251 30.81 -4.23 22.01
C ASN C 251 30.52 -5.64 22.55
N PRO C 252 30.87 -5.90 23.81
CA PRO C 252 30.54 -7.21 24.41
C PRO C 252 29.06 -7.39 24.75
N GLU C 253 28.26 -6.32 24.77
CA GLU C 253 26.86 -6.46 25.17
C GLU C 253 26.06 -7.29 24.17
N PHE C 254 26.34 -7.16 22.88
CA PHE C 254 25.62 -8.00 21.93
C PHE C 254 26.37 -9.29 21.66
N SER C 255 27.71 -9.27 21.75
CA SER C 255 28.55 -10.45 21.45
C SER C 255 28.77 -11.23 22.74
N GLU C 256 27.78 -12.05 23.09
CA GLU C 256 27.88 -12.94 24.23
C GLU C 256 27.57 -14.39 23.90
N ALA C 257 26.76 -14.64 22.87
CA ALA C 257 26.46 -15.96 22.32
C ALA C 257 27.56 -16.99 22.54
N SER D 21 -53.34 -13.86 4.71
CA SER D 21 -53.09 -15.00 3.84
C SER D 21 -51.92 -15.82 4.38
N LEU D 22 -51.49 -15.48 5.59
CA LEU D 22 -50.37 -16.13 6.25
C LEU D 22 -50.83 -16.71 7.59
N ASP D 23 -50.23 -17.85 7.94
CA ASP D 23 -50.56 -18.55 9.18
C ASP D 23 -50.50 -17.65 10.41
N PHE D 24 -49.66 -16.62 10.38
CA PHE D 24 -49.41 -15.76 11.52
C PHE D 24 -49.46 -14.30 11.09
N ASP D 25 -49.44 -13.40 12.09
CA ASP D 25 -49.45 -11.97 11.85
C ASP D 25 -48.28 -11.33 12.62
N PHE D 26 -47.89 -10.13 12.19
CA PHE D 26 -46.74 -9.45 12.75
C PHE D 26 -46.84 -7.96 12.42
N THR D 27 -45.91 -7.18 12.95
CA THR D 27 -45.86 -5.75 12.69
C THR D 27 -44.39 -5.32 12.62
N MET D 28 -44.12 -4.03 12.80
CA MET D 28 -42.80 -3.46 12.56
C MET D 28 -42.36 -2.59 13.71
N ALA D 29 -41.05 -2.64 13.99
CA ALA D 29 -40.35 -1.59 14.69
C ALA D 29 -39.58 -0.76 13.66
N PHE D 30 -39.19 0.44 14.06
CA PHE D 30 -38.41 1.31 13.19
C PHE D 30 -37.21 1.85 13.96
N GLN D 31 -36.08 1.95 13.27
CA GLN D 31 -34.85 2.46 13.88
C GLN D 31 -34.26 3.57 13.01
N PRO D 32 -33.96 4.74 13.58
CA PRO D 32 -33.44 5.85 12.76
C PRO D 32 -32.02 5.61 12.25
N ILE D 33 -31.80 6.08 11.03
CA ILE D 33 -30.48 6.25 10.43
C ILE D 33 -30.21 7.74 10.48
N VAL D 34 -29.07 8.13 11.04
CA VAL D 34 -28.76 9.54 11.23
C VAL D 34 -27.69 9.94 10.23
N ASN D 35 -27.81 11.15 9.69
CA ASN D 35 -26.73 11.77 8.92
C ASN D 35 -25.97 12.72 9.83
N CYS D 36 -24.76 12.32 10.23
CA CYS D 36 -23.96 13.05 11.21
C CYS D 36 -23.32 14.30 10.62
N ARG D 37 -23.26 14.42 9.30
CA ARG D 37 -22.72 15.63 8.66
C ARG D 37 -23.77 16.72 8.61
N THR D 38 -24.96 16.40 8.12
CA THR D 38 -26.06 17.37 8.07
C THR D 38 -26.80 17.44 9.39
N LYS D 39 -26.55 16.49 10.30
CA LYS D 39 -27.25 16.41 11.59
C LYS D 39 -28.76 16.22 11.40
N GLU D 40 -29.17 15.60 10.30
CA GLU D 40 -30.57 15.31 10.02
C GLU D 40 -30.82 13.82 10.16
N ILE D 41 -32.09 13.43 10.25
CA ILE D 41 -32.43 12.03 10.19
C ILE D 41 -32.58 11.65 8.73
N PHE D 42 -31.81 10.64 8.30
CA PHE D 42 -31.88 10.21 6.91
C PHE D 42 -33.14 9.40 6.64
N GLY D 43 -33.57 8.62 7.63
CA GLY D 43 -34.71 7.73 7.46
C GLY D 43 -34.74 6.71 8.59
N TYR D 44 -35.59 5.70 8.41
CA TYR D 44 -35.71 4.61 9.37
C TYR D 44 -35.65 3.25 8.68
N GLU D 45 -34.94 2.31 9.29
CA GLU D 45 -35.07 0.91 8.88
C GLU D 45 -36.27 0.27 9.57
N ALA D 46 -37.11 -0.41 8.79
CA ALA D 46 -38.19 -1.22 9.35
C ALA D 46 -37.67 -2.59 9.76
N LEU D 47 -38.01 -3.03 10.97
CA LEU D 47 -37.54 -4.29 11.54
C LEU D 47 -38.75 -5.08 12.01
N VAL D 48 -38.90 -6.31 11.49
CA VAL D 48 -40.10 -7.10 11.75
C VAL D 48 -40.16 -7.49 13.22
N ARG D 49 -41.36 -7.44 13.79
CA ARG D 49 -41.60 -7.82 15.17
C ARG D 49 -42.91 -8.58 15.26
N GLY D 50 -43.06 -9.36 16.34
CA GLY D 50 -44.34 -9.99 16.60
C GLY D 50 -45.33 -8.99 17.14
N LEU D 51 -46.61 -9.39 17.16
CA LEU D 51 -47.68 -8.50 17.61
C LEU D 51 -47.48 -8.06 19.05
N ASN D 52 -46.75 -8.83 19.84
CA ASN D 52 -46.44 -8.47 21.23
C ASN D 52 -44.95 -8.19 21.39
N ASN D 53 -44.35 -7.57 20.38
CA ASN D 53 -42.95 -7.16 20.39
C ASN D 53 -42.01 -8.36 20.49
N GLU D 54 -42.42 -9.53 20.00
CA GLU D 54 -41.50 -10.65 19.87
C GLU D 54 -40.41 -10.32 18.85
N SER D 55 -39.25 -10.97 19.01
CA SER D 55 -38.06 -10.65 18.22
C SER D 55 -38.25 -10.97 16.74
N ALA D 56 -37.43 -10.31 15.92
CA ALA D 56 -37.46 -10.55 14.47
C ALA D 56 -37.18 -12.01 14.15
N TYR D 57 -36.22 -12.62 14.85
CA TYR D 57 -35.83 -13.98 14.56
C TYR D 57 -36.98 -14.96 14.81
N SER D 58 -37.75 -14.74 15.88
CA SER D 58 -38.88 -15.62 16.16
C SER D 58 -39.92 -15.55 15.07
N VAL D 59 -40.10 -14.36 14.46
CA VAL D 59 -41.03 -14.22 13.36
C VAL D 59 -40.48 -14.87 12.10
N ILE D 60 -39.25 -14.53 11.73
CA ILE D 60 -38.67 -15.06 10.50
C ILE D 60 -38.50 -16.58 10.60
N SER D 61 -38.33 -17.11 11.82
CA SER D 61 -38.20 -18.55 11.98
C SER D 61 -39.43 -19.29 11.48
N ARG D 62 -40.60 -18.65 11.51
CA ARG D 62 -41.82 -19.27 11.01
C ARG D 62 -41.93 -19.22 9.50
N VAL D 63 -41.00 -18.55 8.81
CA VAL D 63 -41.01 -18.44 7.37
C VAL D 63 -40.31 -19.65 6.76
N ASN D 64 -40.99 -20.34 5.85
CA ASN D 64 -40.40 -21.46 5.15
C ASN D 64 -40.35 -21.16 3.65
N GLU D 65 -39.98 -22.18 2.87
CA GLU D 65 -39.80 -22.02 1.43
C GLU D 65 -41.11 -21.70 0.73
N ASP D 66 -42.23 -22.17 1.25
CA ASP D 66 -43.54 -21.83 0.71
C ASP D 66 -44.09 -20.50 1.21
N ASN D 67 -43.39 -19.83 2.13
CA ASN D 67 -43.79 -18.54 2.68
C ASN D 67 -43.00 -17.37 2.11
N ARG D 68 -41.77 -17.62 1.67
CA ARG D 68 -40.79 -16.58 1.39
C ARG D 68 -41.34 -15.37 0.62
N TYR D 69 -42.01 -15.61 -0.50
CA TYR D 69 -42.55 -14.49 -1.29
C TYR D 69 -43.57 -13.69 -0.50
N LEU D 70 -44.61 -14.36 0.00
CA LEU D 70 -45.70 -13.66 0.66
C LEU D 70 -45.23 -12.94 1.92
N PHE D 71 -44.33 -13.57 2.70
CA PHE D 71 -43.84 -12.89 3.90
C PHE D 71 -43.11 -11.59 3.53
N ASP D 72 -42.24 -11.66 2.53
CA ASP D 72 -41.48 -10.48 2.10
C ASP D 72 -42.42 -9.39 1.60
N GLN D 73 -43.47 -9.78 0.89
CA GLN D 73 -44.44 -8.81 0.42
C GLN D 73 -45.21 -8.19 1.57
N MET D 74 -45.59 -9.01 2.56
CA MET D 74 -46.28 -8.48 3.73
C MET D 74 -45.40 -7.49 4.48
N CYS D 75 -44.12 -7.80 4.62
CA CYS D 75 -43.18 -6.89 5.28
C CYS D 75 -43.19 -5.52 4.60
N ARG D 76 -43.14 -5.50 3.28
CA ARG D 76 -43.07 -4.23 2.56
C ARG D 76 -44.32 -3.41 2.79
N VAL D 77 -45.49 -4.05 2.63
CA VAL D 77 -46.75 -3.31 2.72
C VAL D 77 -46.99 -2.83 4.15
N LYS D 78 -46.68 -3.67 5.14
CA LYS D 78 -46.84 -3.29 6.54
C LYS D 78 -45.93 -2.13 6.91
N ALA D 79 -44.67 -2.18 6.46
CA ALA D 79 -43.74 -1.11 6.77
C ALA D 79 -44.19 0.21 6.16
N ILE D 80 -44.62 0.18 4.90
CA ILE D 80 -45.11 1.38 4.23
C ILE D 80 -46.35 1.92 4.93
N ALA D 81 -47.30 1.03 5.25
CA ALA D 81 -48.54 1.48 5.86
C ALA D 81 -48.29 2.11 7.23
N LEU D 82 -47.46 1.46 8.05
CA LEU D 82 -47.16 1.98 9.39
C LEU D 82 -46.36 3.27 9.32
N ALA D 83 -45.34 3.31 8.47
CA ALA D 83 -44.54 4.52 8.32
C ALA D 83 -45.42 5.71 7.91
N ALA D 84 -46.35 5.47 6.98
CA ALA D 84 -47.29 6.52 6.60
C ALA D 84 -48.16 6.92 7.79
N LYS D 85 -48.68 5.93 8.52
CA LYS D 85 -49.53 6.25 9.64
C LYS D 85 -48.76 7.00 10.71
N LEU D 86 -47.47 6.68 10.89
CA LEU D 86 -46.64 7.36 11.87
C LEU D 86 -46.14 8.71 11.38
N GLY D 87 -46.42 9.07 10.13
CA GLY D 87 -46.00 10.37 9.62
C GLY D 87 -44.55 10.44 9.20
N LEU D 88 -43.97 9.33 8.78
CA LEU D 88 -42.58 9.36 8.33
C LEU D 88 -42.46 10.26 7.10
N THR D 89 -41.52 11.20 7.16
CA THR D 89 -41.25 12.09 6.03
C THR D 89 -39.87 11.91 5.40
N SER D 90 -39.00 11.07 5.98
CA SER D 90 -37.70 10.77 5.41
C SER D 90 -37.72 9.36 4.80
N LYS D 91 -36.55 8.75 4.66
CA LYS D 91 -36.47 7.48 3.94
C LYS D 91 -36.95 6.30 4.78
N LEU D 92 -37.48 5.30 4.09
CA LEU D 92 -37.93 4.05 4.69
C LEU D 92 -37.11 2.92 4.07
N SER D 93 -36.33 2.21 4.90
CA SER D 93 -35.45 1.14 4.44
C SER D 93 -36.00 -0.22 4.84
N ILE D 94 -36.14 -1.11 3.85
CA ILE D 94 -36.83 -2.38 4.03
C ILE D 94 -35.86 -3.50 3.67
N ASN D 95 -35.81 -4.52 4.52
CA ASN D 95 -34.98 -5.70 4.28
C ASN D 95 -35.60 -6.62 3.23
N PHE D 96 -34.75 -7.07 2.32
CA PHE D 96 -35.11 -7.99 1.26
C PHE D 96 -34.69 -9.38 1.70
N LEU D 97 -35.60 -10.34 1.59
CA LEU D 97 -35.32 -11.69 2.07
C LEU D 97 -34.26 -12.35 1.20
N PRO D 98 -33.29 -13.06 1.79
CA PRO D 98 -32.20 -13.63 0.97
C PRO D 98 -32.69 -14.52 -0.16
N ASN D 99 -33.56 -15.49 0.12
CA ASN D 99 -34.09 -16.36 -0.91
C ASN D 99 -35.28 -15.71 -1.62
N ALA D 100 -36.47 -15.91 -1.05
CA ALA D 100 -37.72 -15.28 -1.46
C ALA D 100 -38.21 -15.62 -2.87
N ILE D 101 -38.08 -14.67 -3.77
CA ILE D 101 -38.78 -14.69 -5.05
C ILE D 101 -37.86 -15.13 -6.19
N TYR D 102 -38.47 -15.82 -7.17
CA TYR D 102 -37.80 -16.38 -8.34
C TYR D 102 -37.81 -15.38 -9.49
N VAL D 103 -37.48 -15.84 -10.69
CA VAL D 103 -37.07 -15.01 -11.83
C VAL D 103 -38.08 -14.02 -12.45
N PRO D 104 -39.42 -14.08 -12.21
CA PRO D 104 -40.27 -13.08 -12.90
C PRO D 104 -40.57 -11.81 -12.10
N GLU D 105 -40.73 -11.95 -10.77
CA GLU D 105 -40.97 -10.86 -9.82
C GLU D 105 -41.86 -9.72 -10.28
N ARG D 106 -42.82 -9.94 -11.20
CA ARG D 106 -43.59 -8.79 -11.67
C ARG D 106 -44.41 -8.30 -10.47
N CYS D 107 -44.34 -9.07 -9.37
CA CYS D 107 -45.07 -8.81 -8.15
C CYS D 107 -44.46 -7.70 -7.30
N ILE D 108 -43.67 -6.81 -7.92
CA ILE D 108 -43.35 -5.53 -7.31
C ILE D 108 -44.58 -4.62 -7.35
N ARG D 109 -45.58 -4.99 -8.15
CA ARG D 109 -46.83 -4.24 -8.26
C ARG D 109 -47.45 -3.96 -6.91
N THR D 110 -47.49 -4.96 -6.02
CA THR D 110 -48.13 -4.73 -4.73
C THR D 110 -47.34 -3.73 -3.90
N THR D 111 -46.02 -3.68 -4.06
CA THR D 111 -45.25 -2.65 -3.37
C THR D 111 -45.52 -1.27 -3.95
N LEU D 112 -45.50 -1.14 -5.28
CA LEU D 112 -45.80 0.15 -5.90
C LEU D 112 -47.20 0.64 -5.55
N GLU D 113 -48.19 -0.26 -5.58
CA GLU D 113 -49.55 0.14 -5.25
C GLU D 113 -49.66 0.57 -3.78
N ALA D 114 -48.99 -0.14 -2.88
CA ALA D 114 -49.04 0.22 -1.48
C ALA D 114 -48.47 1.62 -1.27
N ALA D 115 -47.28 1.89 -1.85
CA ALA D 115 -46.66 3.21 -1.75
C ALA D 115 -47.56 4.31 -2.33
N LYS D 116 -48.24 4.02 -3.45
CA LYS D 116 -49.14 4.99 -4.02
C LYS D 116 -50.34 5.24 -3.11
N ARG D 117 -50.94 4.18 -2.59
CA ARG D 117 -52.13 4.34 -1.75
C ARG D 117 -51.84 5.18 -0.53
N TYR D 118 -50.67 4.96 0.08
CA TYR D 118 -50.25 5.67 1.29
C TYR D 118 -49.43 6.91 0.98
N GLN D 119 -49.37 7.33 -0.29
CA GLN D 119 -48.72 8.57 -0.66
C GLN D 119 -47.28 8.61 -0.14
N PHE D 120 -46.57 7.48 -0.30
CA PHE D 120 -45.17 7.41 0.11
C PHE D 120 -44.31 7.39 -1.15
N PRO D 121 -43.45 8.38 -1.34
CA PRO D 121 -42.68 8.44 -2.59
C PRO D 121 -41.74 7.24 -2.76
N ILE D 122 -41.73 6.70 -3.96
CA ILE D 122 -40.85 5.55 -4.27
C ILE D 122 -39.39 5.92 -4.05
N GLU D 123 -39.01 7.17 -4.38
CA GLU D 123 -37.64 7.59 -4.20
C GLU D 123 -37.22 7.64 -2.73
N ASN D 124 -38.17 7.53 -1.82
CA ASN D 124 -37.91 7.50 -0.37
C ASN D 124 -37.92 6.10 0.20
N ILE D 125 -38.01 5.07 -0.63
CA ILE D 125 -37.99 3.69 -0.17
C ILE D 125 -36.66 3.08 -0.58
N MET D 126 -35.97 2.48 0.37
CA MET D 126 -34.69 1.82 0.11
C MET D 126 -34.85 0.34 0.42
N PHE D 127 -34.29 -0.50 -0.44
CA PHE D 127 -34.25 -1.94 -0.18
C PHE D 127 -32.83 -2.35 0.18
N GLU D 128 -32.69 -3.12 1.25
CA GLU D 128 -31.41 -3.61 1.73
C GLU D 128 -31.28 -5.08 1.37
N PHE D 129 -30.20 -5.44 0.68
CA PHE D 129 -29.96 -6.79 0.22
C PHE D 129 -28.81 -7.37 1.04
N THR D 130 -29.06 -8.52 1.68
CA THR D 130 -28.03 -9.23 2.42
C THR D 130 -28.06 -10.68 1.94
N GLU D 131 -27.13 -11.04 1.06
CA GLU D 131 -27.13 -12.40 0.53
C GLU D 131 -26.65 -13.36 1.60
N ALA D 132 -27.10 -14.61 1.50
CA ALA D 132 -26.74 -15.61 2.51
C ALA D 132 -26.96 -17.02 1.99
N GLU D 133 -27.78 -17.16 0.96
CA GLU D 133 -27.94 -18.42 0.25
C GLU D 133 -27.57 -18.22 -1.22
N ARG D 134 -26.92 -19.24 -1.78
CA ARG D 134 -26.51 -19.26 -3.18
C ARG D 134 -27.53 -20.00 -4.04
N VAL D 135 -27.85 -19.41 -5.19
CA VAL D 135 -28.85 -19.94 -6.10
C VAL D 135 -28.09 -20.24 -7.38
N GLU D 136 -28.80 -20.70 -8.42
CA GLU D 136 -28.09 -21.09 -9.64
C GLU D 136 -27.63 -19.86 -10.43
N ASP D 137 -28.50 -18.86 -10.57
CA ASP D 137 -28.11 -17.64 -11.24
C ASP D 137 -27.14 -16.84 -10.37
N VAL D 138 -26.02 -16.43 -10.96
CA VAL D 138 -25.08 -15.55 -10.27
C VAL D 138 -25.56 -14.11 -10.37
N ASN D 139 -25.98 -13.71 -11.56
CA ASN D 139 -26.60 -12.43 -11.89
C ASN D 139 -27.96 -12.21 -11.21
N HIS D 140 -28.45 -13.22 -10.47
CA HIS D 140 -29.77 -13.15 -9.87
C HIS D 140 -29.95 -11.92 -8.98
N ILE D 141 -29.05 -11.71 -8.03
CA ILE D 141 -29.18 -10.54 -7.16
C ILE D 141 -28.95 -9.26 -7.95
N LYS D 142 -28.03 -9.31 -8.92
CA LYS D 142 -27.76 -8.14 -9.76
C LYS D 142 -29.01 -7.69 -10.49
N ARG D 143 -29.78 -8.63 -11.05
CA ARG D 143 -30.92 -8.29 -11.89
C ARG D 143 -32.04 -7.63 -11.07
N ILE D 144 -32.27 -8.09 -9.85
CA ILE D 144 -33.25 -7.44 -8.97
C ILE D 144 -32.80 -6.02 -8.64
N VAL D 145 -31.52 -5.86 -8.31
CA VAL D 145 -31.01 -4.54 -7.88
C VAL D 145 -31.16 -3.51 -8.98
N GLU D 146 -30.80 -3.88 -10.21
CA GLU D 146 -30.83 -2.92 -11.31
C GLU D 146 -32.26 -2.59 -11.73
N TYR D 147 -33.17 -3.56 -11.58
CA TYR D 147 -34.57 -3.30 -11.89
C TYR D 147 -35.19 -2.35 -10.87
N TYR D 148 -34.89 -2.55 -9.59
CA TYR D 148 -35.42 -1.69 -8.55
C TYR D 148 -34.94 -0.25 -8.72
N LYS D 149 -33.65 -0.06 -8.99
CA LYS D 149 -33.16 1.29 -9.24
C LYS D 149 -33.87 1.91 -10.43
N SER D 150 -34.21 1.12 -11.45
CA SER D 150 -34.86 1.66 -12.63
C SER D 150 -36.26 2.17 -12.31
N LEU D 151 -36.88 1.68 -11.23
CA LEU D 151 -38.19 2.13 -10.78
C LEU D 151 -38.13 3.34 -9.85
N GLY D 152 -36.94 3.72 -9.37
CA GLY D 152 -36.78 4.86 -8.49
C GLY D 152 -36.39 4.52 -7.08
N PHE D 153 -36.43 3.24 -6.69
CA PHE D 153 -36.05 2.85 -5.34
C PHE D 153 -34.56 3.06 -5.08
N GLN D 154 -34.24 3.36 -3.82
CA GLN D 154 -32.86 3.28 -3.35
C GLN D 154 -32.52 1.82 -3.03
N THR D 155 -31.23 1.51 -3.05
CA THR D 155 -30.75 0.15 -2.82
C THR D 155 -29.54 0.19 -1.90
N ALA D 156 -29.40 -0.86 -1.07
CA ALA D 156 -28.26 -0.99 -0.19
C ALA D 156 -27.83 -2.44 -0.10
N ILE D 157 -26.51 -2.65 -0.07
CA ILE D 157 -25.97 -3.91 0.40
C ILE D 157 -25.90 -3.86 1.92
N ASP D 158 -26.48 -4.86 2.56
CA ASP D 158 -26.53 -4.94 4.01
C ASP D 158 -25.44 -5.89 4.51
N ASP D 159 -25.02 -5.68 5.75
CA ASP D 159 -24.06 -6.57 6.44
C ASP D 159 -22.75 -6.74 5.67
N PHE D 160 -22.28 -5.67 5.06
CA PHE D 160 -21.05 -5.76 4.29
C PHE D 160 -19.88 -6.09 5.21
N GLY D 161 -19.21 -7.20 4.93
CA GLY D 161 -18.15 -7.62 5.83
C GLY D 161 -18.57 -8.62 6.88
N SER D 162 -19.65 -9.39 6.66
CA SER D 162 -19.95 -10.43 7.63
C SER D 162 -20.24 -11.80 7.03
N GLY D 163 -21.11 -11.88 6.04
CA GLY D 163 -21.48 -13.17 5.52
C GLY D 163 -21.13 -13.36 4.07
N TYR D 164 -22.09 -13.86 3.29
CA TYR D 164 -21.91 -13.98 1.84
C TYR D 164 -22.02 -12.62 1.18
N SER D 165 -22.10 -11.57 2.00
CA SER D 165 -22.29 -10.18 1.56
C SER D 165 -20.95 -9.47 1.70
N GLY D 166 -20.18 -9.47 0.63
CA GLY D 166 -18.85 -8.91 0.65
C GLY D 166 -18.47 -8.33 -0.69
N LEU D 167 -17.16 -8.36 -0.95
CA LEU D 167 -16.59 -7.76 -2.13
C LEU D 167 -17.10 -8.44 -3.39
N ASN D 168 -17.54 -9.69 -3.29
CA ASN D 168 -18.05 -10.39 -4.47
C ASN D 168 -19.30 -9.72 -5.01
N LEU D 169 -20.16 -9.22 -4.11
CA LEU D 169 -21.33 -8.47 -4.54
C LEU D 169 -20.90 -7.19 -5.26
N LEU D 170 -20.04 -6.40 -4.60
CA LEU D 170 -19.65 -5.09 -5.12
C LEU D 170 -19.02 -5.19 -6.51
N ALA D 171 -18.35 -6.30 -6.80
CA ALA D 171 -17.64 -6.42 -8.08
C ALA D 171 -18.59 -6.40 -9.27
N ASP D 172 -19.80 -6.91 -9.11
CA ASP D 172 -20.71 -7.07 -10.25
C ASP D 172 -21.86 -6.07 -10.28
N PHE D 173 -22.18 -5.43 -9.15
CA PHE D 173 -23.19 -4.37 -9.18
C PHE D 173 -22.97 -3.48 -7.98
N GLN D 174 -23.39 -2.23 -8.10
CA GLN D 174 -23.18 -1.26 -7.04
C GLN D 174 -24.52 -0.66 -6.62
N THR D 175 -24.79 -0.69 -5.33
CA THR D 175 -25.98 -0.08 -4.79
C THR D 175 -25.71 1.38 -4.46
N ASN D 176 -26.77 2.10 -4.07
CA ASN D 176 -26.61 3.47 -3.61
C ASN D 176 -25.81 3.53 -2.31
N ILE D 177 -26.05 2.57 -1.42
CA ILE D 177 -25.48 2.63 -0.08
C ILE D 177 -24.92 1.26 0.25
N VAL D 178 -23.85 1.24 1.05
CA VAL D 178 -23.36 0.00 1.63
C VAL D 178 -23.39 0.17 3.15
N LYS D 179 -24.13 -0.71 3.81
CA LYS D 179 -24.18 -0.73 5.27
C LYS D 179 -23.07 -1.66 5.76
N VAL D 180 -22.08 -1.07 6.42
CA VAL D 180 -20.96 -1.86 6.94
C VAL D 180 -21.38 -2.60 8.20
N ASP D 181 -21.11 -3.90 8.23
CA ASP D 181 -21.54 -4.75 9.33
C ASP D 181 -21.00 -4.25 10.66
N MET D 182 -21.82 -4.38 11.70
CA MET D 182 -21.43 -3.88 13.02
C MET D 182 -20.21 -4.61 13.60
N GLY D 183 -19.94 -5.84 13.17
CA GLY D 183 -18.74 -6.52 13.65
C GLY D 183 -17.46 -5.78 13.30
N LEU D 184 -17.45 -5.10 12.15
CA LEU D 184 -16.33 -4.28 11.72
C LEU D 184 -16.27 -2.93 12.42
N ILE D 185 -17.40 -2.45 12.93
CA ILE D 185 -17.49 -1.15 13.60
C ILE D 185 -17.12 -1.28 15.06
N ARG D 186 -17.31 -2.47 15.63
CA ARG D 186 -17.26 -2.64 17.07
C ARG D 186 -15.88 -2.26 17.60
N ASN D 187 -15.87 -1.29 18.52
CA ASN D 187 -14.66 -0.83 19.20
C ASN D 187 -13.63 -0.30 18.22
N ILE D 188 -14.10 0.27 17.11
CA ILE D 188 -13.19 0.63 16.03
C ILE D 188 -12.24 1.74 16.47
N HIS D 189 -12.65 2.56 17.44
CA HIS D 189 -11.77 3.59 17.96
C HIS D 189 -10.50 2.99 18.56
N ALA D 190 -10.54 1.72 18.95
CA ALA D 190 -9.43 1.08 19.64
C ALA D 190 -8.76 -0.04 18.86
N ASP D 191 -9.32 -0.44 17.73
CA ASP D 191 -8.90 -1.65 17.02
C ASP D 191 -8.20 -1.19 15.74
N GLN D 192 -6.88 -1.22 15.76
CA GLN D 192 -6.08 -0.72 14.64
C GLN D 192 -6.34 -1.52 13.37
N VAL D 193 -6.60 -2.82 13.49
CA VAL D 193 -6.93 -3.62 12.30
C VAL D 193 -8.28 -3.20 11.74
N ARG D 194 -9.29 -3.02 12.59
CA ARG D 194 -10.58 -2.56 12.06
C ARG D 194 -10.47 -1.16 11.45
N GLN D 195 -9.60 -0.32 12.00
CA GLN D 195 -9.37 1.01 11.44
C GLN D 195 -8.86 0.92 10.01
N SER D 196 -7.85 0.06 9.76
CA SER D 196 -7.30 -0.08 8.43
C SER D 196 -8.33 -0.63 7.45
N ILE D 197 -9.10 -1.64 7.87
CA ILE D 197 -10.17 -2.17 7.01
C ILE D 197 -11.12 -1.05 6.62
N MET D 198 -11.54 -0.25 7.60
CA MET D 198 -12.55 0.76 7.32
C MET D 198 -11.95 1.87 6.47
N LYS D 199 -10.72 2.28 6.75
CA LYS D 199 -10.10 3.33 5.95
C LYS D 199 -10.01 2.91 4.49
N ASN D 200 -9.58 1.69 4.24
CA ASN D 200 -9.43 1.25 2.86
C ASN D 200 -10.78 0.96 2.20
N CYS D 201 -11.74 0.45 2.96
CA CYS D 201 -13.10 0.28 2.42
C CYS D 201 -13.78 1.62 2.14
N LEU D 202 -13.54 2.64 2.96
CA LEU D 202 -14.15 3.93 2.70
C LEU D 202 -13.63 4.52 1.40
N LYS D 203 -12.33 4.33 1.12
CA LYS D 203 -11.79 4.81 -0.16
C LYS D 203 -12.34 4.01 -1.32
N LEU D 204 -12.47 2.68 -1.16
CA LEU D 204 -13.14 1.88 -2.18
C LEU D 204 -14.54 2.41 -2.47
N PHE D 205 -15.34 2.64 -1.43
CA PHE D 205 -16.73 3.11 -1.63
C PHE D 205 -16.74 4.44 -2.36
N SER D 206 -15.88 5.35 -1.94
CA SER D 206 -15.76 6.63 -2.63
C SER D 206 -15.40 6.45 -4.10
N ASP D 207 -14.46 5.54 -4.38
CA ASP D 207 -14.09 5.25 -5.77
C ASP D 207 -15.29 4.75 -6.57
N LEU D 208 -16.17 3.98 -5.93
CA LEU D 208 -17.33 3.44 -6.63
C LEU D 208 -18.55 4.37 -6.53
N ASN D 209 -18.39 5.54 -5.93
CA ASN D 209 -19.49 6.48 -5.68
C ASN D 209 -20.64 5.80 -4.90
N ILE D 210 -20.27 5.15 -3.81
CA ILE D 210 -21.21 4.52 -2.89
C ILE D 210 -21.12 5.22 -1.55
N GLN D 211 -22.28 5.52 -0.98
CA GLN D 211 -22.32 6.17 0.30
C GLN D 211 -22.24 5.11 1.40
N PRO D 212 -21.27 5.18 2.29
CA PRO D 212 -21.18 4.21 3.37
C PRO D 212 -22.12 4.54 4.50
N LEU D 213 -22.51 3.50 5.22
CA LEU D 213 -23.38 3.62 6.39
C LEU D 213 -22.85 2.67 7.45
N ALA D 214 -22.50 3.21 8.61
CA ALA D 214 -21.94 2.40 9.71
C ALA D 214 -23.08 1.92 10.59
N GLU D 215 -23.19 0.60 10.74
CA GLU D 215 -24.28 -0.07 11.44
C GLU D 215 -23.82 -0.50 12.84
N GLY D 216 -24.76 -0.54 13.77
CA GLY D 216 -24.46 -1.02 15.11
C GLY D 216 -23.56 -0.12 15.92
N VAL D 217 -23.56 1.18 15.67
CA VAL D 217 -22.76 2.11 16.47
C VAL D 217 -23.32 2.13 17.88
N GLU D 218 -22.50 1.82 18.88
CA GLU D 218 -23.01 1.71 20.25
C GLU D 218 -22.44 2.73 21.23
N SER D 219 -21.36 3.42 20.91
CA SER D 219 -20.74 4.30 21.88
C SER D 219 -20.28 5.56 21.18
N HIS D 220 -20.12 6.62 21.99
CA HIS D 220 -19.63 7.88 21.45
C HIS D 220 -18.26 7.71 20.81
N ALA D 221 -17.42 6.88 21.42
CA ALA D 221 -16.07 6.66 20.90
C ALA D 221 -16.10 6.09 19.49
N GLU D 222 -16.94 5.07 19.25
CA GLU D 222 -17.08 4.56 17.90
C GLU D 222 -17.59 5.64 16.96
N PHE D 223 -18.66 6.32 17.37
CA PHE D 223 -19.22 7.40 16.56
C PHE D 223 -18.17 8.45 16.22
N ALA D 224 -17.39 8.89 17.22
CA ALA D 224 -16.43 9.95 16.96
C ALA D 224 -15.35 9.52 15.97
N TRP D 225 -14.86 8.27 16.09
CA TRP D 225 -13.85 7.80 15.14
C TRP D 225 -14.43 7.73 13.74
N LEU D 226 -15.62 7.13 13.61
CA LEU D 226 -16.23 6.97 12.29
C LEU D 226 -16.55 8.33 11.63
N LYS D 227 -17.00 9.31 12.41
CA LYS D 227 -17.24 10.64 11.84
C LYS D 227 -15.94 11.27 11.37
N ALA D 228 -14.89 11.19 12.18
CA ALA D 228 -13.60 11.74 11.75
C ALA D 228 -13.06 10.99 10.53
N ALA D 229 -13.39 9.72 10.37
CA ALA D 229 -12.93 9.01 9.17
C ALA D 229 -13.73 9.38 7.93
N GLY D 230 -14.81 10.13 8.06
CA GLY D 230 -15.57 10.58 6.91
C GLY D 230 -16.94 9.94 6.75
N VAL D 231 -17.35 9.02 7.63
CA VAL D 231 -18.67 8.41 7.53
C VAL D 231 -19.73 9.43 7.95
N GLU D 232 -20.81 9.53 7.17
CA GLU D 232 -21.93 10.41 7.47
C GLU D 232 -23.16 9.65 7.98
N LEU D 233 -23.63 8.66 7.24
CA LEU D 233 -24.79 7.89 7.67
C LEU D 233 -24.39 6.84 8.70
N MET D 234 -25.09 6.82 9.83
CA MET D 234 -24.83 5.86 10.88
C MET D 234 -26.14 5.39 11.49
N GLN D 235 -26.07 4.23 12.15
CA GLN D 235 -27.23 3.58 12.77
C GLN D 235 -26.74 2.81 14.01
N GLY D 236 -27.52 2.78 15.07
CA GLY D 236 -27.14 2.00 16.23
C GLY D 236 -27.78 2.46 17.52
N TYR D 237 -27.61 1.63 18.56
CA TYR D 237 -28.15 1.91 19.88
C TYR D 237 -27.66 3.24 20.42
N TYR D 238 -26.46 3.66 20.00
CA TYR D 238 -25.93 4.97 20.41
C TYR D 238 -26.88 6.08 20.01
N PHE D 239 -27.51 5.98 18.83
CA PHE D 239 -28.47 7.00 18.40
C PHE D 239 -29.87 6.71 18.93
N ALA D 240 -30.38 5.51 18.67
CA ALA D 240 -31.66 5.08 19.22
C ALA D 240 -31.87 3.61 18.93
N LYS D 241 -32.42 2.89 19.91
CA LYS D 241 -32.90 1.54 19.72
C LYS D 241 -34.12 1.54 18.81
N PRO D 242 -34.43 0.41 18.20
CA PRO D 242 -35.66 0.32 17.40
C PRO D 242 -36.90 0.56 18.26
N GLY D 243 -37.87 1.25 17.67
CA GLY D 243 -39.11 1.56 18.39
C GLY D 243 -40.28 0.77 17.86
N PHE D 244 -40.93 0.02 18.74
CA PHE D 244 -42.07 -0.81 18.37
C PHE D 244 -43.19 0.09 17.85
N GLU D 245 -43.52 -0.05 16.56
CA GLU D 245 -44.59 0.70 15.93
C GLU D 245 -44.47 2.20 16.19
N SER D 246 -43.22 2.70 16.20
CA SER D 246 -43.00 4.11 16.50
C SER D 246 -41.72 4.58 15.83
N LEU D 247 -41.57 5.91 15.73
CA LEU D 247 -40.38 6.50 15.14
C LEU D 247 -39.54 7.11 16.27
N PRO D 248 -38.54 6.42 16.77
CA PRO D 248 -37.77 6.95 17.90
C PRO D 248 -37.07 8.26 17.55
N SER D 249 -37.00 9.15 18.53
CA SER D 249 -36.18 10.33 18.41
C SER D 249 -34.73 9.97 18.72
N VAL D 250 -33.80 10.84 18.31
CA VAL D 250 -32.37 10.57 18.36
C VAL D 250 -31.68 11.35 19.47
N ASN D 251 -30.77 10.67 20.19
CA ASN D 251 -29.79 11.18 21.13
C ASN D 251 -29.22 12.53 20.68
N PRO D 252 -29.35 13.58 21.50
CA PRO D 252 -28.75 14.89 21.13
C PRO D 252 -27.23 14.97 21.27
N GLU D 253 -26.57 14.01 21.93
CA GLU D 253 -25.12 14.12 22.18
C GLU D 253 -24.30 14.17 20.90
N PHE D 254 -24.80 13.57 19.81
CA PHE D 254 -24.07 13.58 18.55
C PHE D 254 -24.20 14.91 17.82
N SER D 255 -25.30 15.64 18.06
CA SER D 255 -25.68 16.83 17.27
C SER D 255 -24.63 17.93 17.18
N GLU D 256 -23.38 17.65 17.57
CA GLU D 256 -22.28 18.57 17.32
C GLU D 256 -20.95 17.85 17.53
N ALA D 257 -20.94 16.86 18.42
CA ALA D 257 -19.80 15.97 18.67
C ALA D 257 -18.92 15.71 17.44
#